data_8TF0
#
_entry.id   8TF0
#
_cell.length_a   96.282
_cell.length_b   104.392
_cell.length_c   172.284
_cell.angle_alpha   90.000
_cell.angle_beta   90.000
_cell.angle_gamma   90.000
#
_symmetry.space_group_name_H-M   'P 21 21 21'
#
loop_
_entity.id
_entity.type
_entity.pdbx_description
1 polymer Endoplasmin
2 non-polymer 'MAGNESIUM ION'
3 non-polymer 9-(pent-4-yn-1-yl)-8-[(2,4,6-trimethylphenyl)sulfanyl]-9H-purin-6-amine
4 non-polymer GLYCEROL
5 non-polymer 'SULFATE ION'
6 non-polymer 'MANGANESE (II) ION'
7 water water
#
_entity_poly.entity_id   1
_entity_poly.type   'polypeptide(L)'
_entity_poly.pdbx_seq_one_letter_code
;GSHMLREKSEKFAFQAEVNRMMKLIINSLYKNKEIFLRELISNASDALDKIRLISLTDENALAGNEELTVKIKCDKEKNL
LHVTDTGVGMTREELVKNLGTIAKSGTSEFLNKMTEAQEDGQSTSELIGQFGVGFYSAFLVADKVIVTSKHNNDTQHIWE
SDSNEFSVIADPRGNTLGRGTTITLVLKEEASDYLELDTIKNLVKKYSQFINFPIYVWSSKTGGGGKTVWDWELMN
;
_entity_poly.pdbx_strand_id   B,A,C,D
#
loop_
_chem_comp.id
_chem_comp.type
_chem_comp.name
_chem_comp.formula
GOL non-polymer GLYCEROL 'C3 H8 O3'
MG non-polymer 'MAGNESIUM ION' 'Mg 2'
MN non-polymer 'MANGANESE (II) ION' 'Mn 2'
SO4 non-polymer 'SULFATE ION' 'O4 S -2'
ZUY non-polymer 9-(pent-4-yn-1-yl)-8-[(2,4,6-trimethylphenyl)sulfanyl]-9H-purin-6-amine 'C19 H21 N5 S'
#
# COMPACT_ATOMS: atom_id res chain seq x y z
N SER A 2 18.96 0.21 6.87
CA SER A 2 19.04 1.55 6.29
C SER A 2 19.22 2.61 7.37
N HIS A 3 18.74 2.31 8.59
N HIS A 3 18.75 2.30 8.58
CA HIS A 3 18.96 3.19 9.72
CA HIS A 3 18.90 3.20 9.72
C HIS A 3 19.11 2.39 11.00
C HIS A 3 19.05 2.40 11.01
N MET A 4 18.79 1.09 10.94
CA MET A 4 18.92 0.20 12.08
C MET A 4 19.84 -0.96 11.70
N LEU A 5 20.32 -1.68 12.71
CA LEU A 5 21.26 -2.78 12.48
C LEU A 5 20.54 -4.01 11.96
N ARG A 6 21.08 -4.61 10.90
CA ARG A 6 20.64 -5.90 10.37
C ARG A 6 19.15 -5.87 10.00
N GLU A 7 18.79 -4.91 9.16
CA GLU A 7 17.40 -4.81 8.72
C GLU A 7 17.02 -5.93 7.76
N LYS A 8 18.00 -6.61 7.15
CA LYS A 8 17.73 -7.72 6.25
C LYS A 8 17.46 -9.02 6.99
N SER A 9 17.53 -9.02 8.32
CA SER A 9 17.34 -10.25 9.07
C SER A 9 15.87 -10.66 9.09
N GLU A 10 15.65 -11.97 9.16
CA GLU A 10 14.28 -12.49 9.29
C GLU A 10 13.67 -12.09 10.62
N LYS A 11 14.49 -11.98 11.68
CA LYS A 11 14.00 -11.46 12.95
C LYS A 11 13.40 -10.07 12.77
N PHE A 12 14.12 -9.19 12.08
CA PHE A 12 13.59 -7.85 11.81
C PHE A 12 12.41 -7.90 10.86
N ALA A 13 12.47 -8.77 9.85
CA ALA A 13 11.36 -8.89 8.90
C ALA A 13 10.08 -9.34 9.61
N PHE A 14 10.20 -10.27 10.56
CA PHE A 14 9.05 -10.70 11.33
C PHE A 14 8.47 -9.56 12.15
N GLN A 15 9.34 -8.82 12.86
CA GLN A 15 8.87 -7.71 13.68
C GLN A 15 8.23 -6.62 12.82
N ALA A 16 8.85 -6.28 11.69
CA ALA A 16 8.31 -5.26 10.81
C ALA A 16 6.95 -5.69 10.24
N GLU A 17 6.83 -6.97 9.88
CA GLU A 17 5.56 -7.46 9.36
C GLU A 17 4.48 -7.46 10.44
N VAL A 18 4.84 -7.87 11.66
CA VAL A 18 3.86 -7.88 12.74
C VAL A 18 3.46 -6.46 13.11
N ASN A 19 4.43 -5.54 13.14
CA ASN A 19 4.11 -4.12 13.38
C ASN A 19 3.15 -3.60 12.32
N ARG A 20 3.41 -3.93 11.06
CA ARG A 20 2.53 -3.50 9.97
C ARG A 20 1.11 -4.03 10.18
N MET A 21 0.97 -5.33 10.44
CA MET A 21 -0.34 -5.88 10.72
C MET A 21 -0.94 -5.24 11.97
N MET A 22 -0.11 -5.04 12.99
CA MET A 22 -0.56 -4.43 14.24
C MET A 22 -1.12 -3.04 14.00
N LYS A 23 -0.47 -2.27 13.12
CA LYS A 23 -0.93 -0.92 12.80
C LYS A 23 -2.16 -0.94 11.90
N LEU A 24 -2.28 -1.95 11.04
CA LEU A 24 -3.44 -2.03 10.15
C LEU A 24 -4.71 -2.32 10.93
N ILE A 25 -4.62 -3.15 11.97
CA ILE A 25 -5.82 -3.50 12.74
C ILE A 25 -6.22 -2.35 13.66
N ILE A 26 -5.25 -1.70 14.30
CA ILE A 26 -5.56 -0.56 15.16
C ILE A 26 -6.17 0.57 14.33
N ASN A 27 -5.54 0.89 13.19
CA ASN A 27 -6.05 1.92 12.31
C ASN A 27 -7.47 1.61 11.85
N SER A 28 -7.78 0.33 11.65
CA SER A 28 -9.14 -0.05 11.28
C SER A 28 -10.09 0.08 12.45
N LEU A 29 -9.62 -0.14 13.67
CA LEU A 29 -10.48 0.03 14.83
C LEU A 29 -10.74 1.50 15.13
N TYR A 30 -9.77 2.37 14.81
CA TYR A 30 -9.95 3.80 15.06
C TYR A 30 -10.91 4.43 14.06
N LYS A 31 -10.96 3.89 12.84
CA LYS A 31 -11.86 4.39 11.81
C LYS A 31 -13.12 3.54 11.66
N ASN A 32 -13.15 2.35 12.26
CA ASN A 32 -14.26 1.41 12.13
C ASN A 32 -14.51 1.06 10.67
N LYS A 33 -13.86 0.00 10.19
CA LYS A 33 -13.90 -0.35 8.77
C LYS A 33 -14.31 -1.79 8.51
N GLU A 34 -14.40 -2.63 9.52
CA GLU A 34 -14.83 -4.03 9.38
C GLU A 34 -14.00 -4.76 8.32
N ILE A 35 -12.69 -4.83 8.59
CA ILE A 35 -11.77 -5.34 7.58
C ILE A 35 -11.81 -6.85 7.46
N PHE A 36 -12.28 -7.55 8.50
CA PHE A 36 -12.14 -9.00 8.54
C PHE A 36 -12.90 -9.68 7.40
N LEU A 37 -14.14 -9.26 7.14
CA LEU A 37 -14.90 -9.85 6.05
C LEU A 37 -14.30 -9.44 4.71
N ARG A 38 -13.81 -8.20 4.61
CA ARG A 38 -13.03 -7.80 3.45
C ARG A 38 -11.83 -8.71 3.25
N GLU A 39 -11.11 -8.99 4.34
CA GLU A 39 -9.92 -9.84 4.25
C GLU A 39 -10.30 -11.27 3.90
N LEU A 40 -11.43 -11.76 4.42
CA LEU A 40 -11.86 -13.12 4.10
C LEU A 40 -12.20 -13.27 2.63
N ILE A 41 -12.88 -12.27 2.06
CA ILE A 41 -13.22 -12.31 0.64
C ILE A 41 -11.97 -12.19 -0.21
N SER A 42 -11.04 -11.31 0.17
CA SER A 42 -9.79 -11.17 -0.57
C SER A 42 -8.97 -12.45 -0.48
N ASN A 43 -8.87 -13.02 0.73
CA ASN A 43 -8.07 -14.22 0.92
C ASN A 43 -8.69 -15.42 0.20
N ALA A 44 -10.02 -15.47 0.10
CA ALA A 44 -10.66 -16.51 -0.70
C ALA A 44 -10.39 -16.32 -2.18
N SER A 45 -10.50 -15.08 -2.66
CA SER A 45 -10.19 -14.78 -4.05
C SER A 45 -8.77 -15.18 -4.41
N ASP A 46 -7.81 -14.92 -3.51
CA ASP A 46 -6.43 -15.27 -3.77
C ASP A 46 -6.24 -16.78 -3.89
N ALA A 47 -7.01 -17.55 -3.12
CA ALA A 47 -6.91 -19.00 -3.20
C ALA A 47 -7.47 -19.52 -4.52
N LEU A 48 -8.55 -18.90 -5.01
CA LEU A 48 -9.07 -19.26 -6.33
C LEU A 48 -8.07 -18.92 -7.43
N ASP A 49 -7.39 -17.77 -7.29
CA ASP A 49 -6.35 -17.41 -8.24
C ASP A 49 -5.23 -18.44 -8.26
N LYS A 50 -4.89 -18.98 -7.08
CA LYS A 50 -3.82 -19.97 -6.99
C LYS A 50 -4.19 -21.24 -7.74
N ILE A 51 -5.38 -21.79 -7.46
CA ILE A 51 -5.77 -23.05 -8.09
C ILE A 51 -5.99 -22.86 -9.59
N ARG A 52 -6.41 -21.67 -10.01
CA ARG A 52 -6.58 -21.43 -11.44
C ARG A 52 -5.24 -21.33 -12.14
N LEU A 53 -4.26 -20.66 -11.52
CA LEU A 53 -2.89 -20.69 -12.03
C LEU A 53 -2.37 -22.10 -12.11
N ILE A 54 -2.70 -22.93 -11.12
CA ILE A 54 -2.27 -24.33 -11.13
C ILE A 54 -2.91 -25.06 -12.31
N SER A 55 -4.19 -24.81 -12.55
CA SER A 55 -4.90 -25.49 -13.63
C SER A 55 -4.37 -25.11 -15.01
N LEU A 56 -3.65 -23.99 -15.11
CA LEU A 56 -3.10 -23.58 -16.40
C LEU A 56 -2.02 -24.52 -16.89
N THR A 57 -1.38 -25.27 -16.00
CA THR A 57 -0.37 -26.25 -16.36
C THR A 57 -0.77 -27.68 -16.01
N ASP A 58 -1.48 -27.88 -14.90
CA ASP A 58 -1.95 -29.21 -14.51
C ASP A 58 -3.38 -29.36 -15.01
N GLU A 59 -3.59 -30.26 -15.98
CA GLU A 59 -4.90 -30.40 -16.60
C GLU A 59 -5.93 -30.94 -15.63
N ASN A 60 -5.54 -31.89 -14.78
CA ASN A 60 -6.45 -32.50 -13.82
C ASN A 60 -6.33 -31.87 -12.44
N ALA A 61 -6.41 -30.54 -12.39
CA ALA A 61 -6.32 -29.80 -11.13
C ALA A 61 -7.67 -29.45 -10.54
N LEU A 62 -8.67 -29.16 -11.38
CA LEU A 62 -10.00 -28.82 -10.94
C LEU A 62 -10.92 -30.04 -10.84
N ALA A 63 -10.36 -31.25 -10.84
CA ALA A 63 -11.17 -32.46 -10.89
C ALA A 63 -12.05 -32.59 -9.65
N GLY A 64 -11.51 -32.25 -8.47
CA GLY A 64 -12.27 -32.38 -7.24
C GLY A 64 -13.44 -31.43 -7.14
N ASN A 65 -13.41 -30.31 -7.87
CA ASN A 65 -14.48 -29.33 -7.86
C ASN A 65 -14.31 -28.38 -9.04
N GLU A 66 -15.20 -28.47 -10.03
CA GLU A 66 -15.01 -27.75 -11.28
C GLU A 66 -15.44 -26.28 -11.21
N GLU A 67 -16.12 -25.87 -10.14
CA GLU A 67 -16.55 -24.48 -10.01
C GLU A 67 -15.53 -23.69 -9.20
N LEU A 68 -15.49 -22.38 -9.45
CA LEU A 68 -14.56 -21.46 -8.81
C LEU A 68 -15.36 -20.34 -8.17
N THR A 69 -15.90 -20.60 -6.98
CA THR A 69 -16.84 -19.69 -6.33
C THR A 69 -16.38 -19.37 -4.92
N VAL A 70 -17.02 -18.35 -4.34
CA VAL A 70 -16.93 -18.03 -2.92
C VAL A 70 -18.37 -18.00 -2.39
N LYS A 71 -18.64 -18.83 -1.40
CA LYS A 71 -19.98 -18.94 -0.82
C LYS A 71 -19.91 -18.60 0.66
N ILE A 72 -20.64 -17.55 1.04
CA ILE A 72 -20.71 -17.07 2.43
C ILE A 72 -22.06 -17.46 3.01
N LYS A 73 -22.05 -18.03 4.21
CA LYS A 73 -23.26 -18.52 4.84
C LYS A 73 -23.30 -18.09 6.29
N CYS A 74 -24.48 -17.63 6.72
CA CYS A 74 -24.71 -17.24 8.11
C CYS A 74 -25.60 -18.28 8.79
N ASP A 75 -25.29 -18.56 10.06
CA ASP A 75 -26.09 -19.45 10.90
C ASP A 75 -26.45 -18.68 12.17
N LYS A 76 -27.48 -17.84 12.07
CA LYS A 76 -27.90 -17.04 13.22
C LYS A 76 -28.30 -17.92 14.40
N GLU A 77 -28.88 -19.08 14.12
CA GLU A 77 -29.24 -20.04 15.17
C GLU A 77 -27.99 -20.53 15.89
N LYS A 78 -27.11 -21.23 15.17
CA LYS A 78 -25.91 -21.80 15.75
C LYS A 78 -24.81 -20.78 15.98
N ASN A 79 -25.01 -19.52 15.61
CA ASN A 79 -24.06 -18.44 15.83
C ASN A 79 -22.71 -18.77 15.17
N LEU A 80 -22.74 -18.76 13.84
CA LEU A 80 -21.57 -19.15 13.06
C LEU A 80 -21.52 -18.36 11.76
N LEU A 81 -20.30 -18.10 11.29
CA LEU A 81 -20.07 -17.43 10.02
C LEU A 81 -19.16 -18.30 9.17
N HIS A 82 -19.61 -18.62 7.96
CA HIS A 82 -18.89 -19.53 7.07
C HIS A 82 -18.51 -18.80 5.79
N VAL A 83 -17.24 -18.89 5.43
CA VAL A 83 -16.72 -18.35 4.16
C VAL A 83 -16.03 -19.49 3.44
N THR A 84 -16.64 -19.96 2.36
CA THR A 84 -16.18 -21.15 1.66
C THR A 84 -15.67 -20.77 0.27
N ASP A 85 -14.42 -21.12 -0.01
CA ASP A 85 -13.84 -20.97 -1.34
C ASP A 85 -13.47 -22.34 -1.89
N THR A 86 -13.50 -22.46 -3.21
CA THR A 86 -13.02 -23.65 -3.91
C THR A 86 -11.61 -23.44 -4.46
N GLY A 87 -10.76 -22.79 -3.67
CA GLY A 87 -9.41 -22.47 -4.10
C GLY A 87 -8.47 -23.66 -4.01
N VAL A 88 -7.18 -23.35 -3.80
CA VAL A 88 -6.15 -24.39 -3.82
C VAL A 88 -6.34 -25.37 -2.67
N GLY A 89 -6.91 -24.92 -1.55
CA GLY A 89 -7.00 -25.76 -0.37
C GLY A 89 -5.67 -25.83 0.37
N MET A 90 -5.70 -26.51 1.51
CA MET A 90 -4.52 -26.62 2.37
C MET A 90 -4.33 -28.07 2.79
N THR A 91 -3.11 -28.56 2.65
CA THR A 91 -2.75 -29.86 3.18
C THR A 91 -2.60 -29.79 4.70
N ARG A 92 -2.56 -30.96 5.34
CA ARG A 92 -2.35 -31.00 6.78
C ARG A 92 -0.99 -30.42 7.15
N GLU A 93 0.03 -30.65 6.31
CA GLU A 93 1.34 -30.07 6.56
C GLU A 93 1.27 -28.54 6.56
N GLU A 94 0.51 -27.96 5.63
CA GLU A 94 0.35 -26.51 5.61
C GLU A 94 -0.40 -26.03 6.85
N LEU A 95 -1.47 -26.73 7.23
CA LEU A 95 -2.26 -26.32 8.38
C LEU A 95 -1.45 -26.40 9.68
N VAL A 96 -0.47 -27.29 9.74
CA VAL A 96 0.30 -27.51 10.96
C VAL A 96 1.57 -26.67 10.98
N LYS A 97 2.37 -26.74 9.92
CA LYS A 97 3.68 -26.12 9.91
C LYS A 97 3.66 -24.67 9.43
N ASN A 98 2.64 -24.26 8.69
CA ASN A 98 2.56 -22.88 8.22
C ASN A 98 1.60 -22.07 9.09
N LEU A 99 0.30 -22.38 8.98
CA LEU A 99 -0.71 -21.65 9.74
C LEU A 99 -0.63 -21.99 11.22
N GLY A 100 -0.37 -23.26 11.55
CA GLY A 100 -0.33 -23.67 12.95
C GLY A 100 0.83 -23.04 13.70
N THR A 101 1.99 -22.93 13.05
CA THR A 101 3.14 -22.30 13.71
C THR A 101 2.86 -20.85 14.05
N ILE A 102 2.08 -20.16 13.23
CA ILE A 102 1.73 -18.77 13.50
C ILE A 102 0.65 -18.68 14.57
N ALA A 103 -0.39 -19.51 14.45
CA ALA A 103 -1.51 -19.45 15.39
C ALA A 103 -1.07 -19.82 16.80
N LYS A 104 -0.15 -20.77 16.92
CA LYS A 104 0.35 -21.16 18.24
C LYS A 104 1.16 -20.03 18.86
N SER A 105 0.97 -19.83 20.16
CA SER A 105 1.63 -18.74 20.87
C SER A 105 3.15 -18.86 20.80
N GLY A 106 3.83 -17.73 20.97
CA GLY A 106 5.28 -17.72 20.95
C GLY A 106 5.89 -17.99 19.59
N THR A 107 5.24 -17.52 18.51
CA THR A 107 5.72 -17.83 17.16
C THR A 107 7.13 -17.32 16.92
N SER A 108 7.50 -16.20 17.55
CA SER A 108 8.80 -15.59 17.31
C SER A 108 9.96 -16.48 17.74
N GLU A 109 9.70 -17.58 18.46
CA GLU A 109 10.76 -18.51 18.82
C GLU A 109 11.19 -19.36 17.64
N PHE A 110 10.26 -19.67 16.72
CA PHE A 110 10.48 -20.64 15.66
C PHE A 110 10.63 -19.96 14.30
N LEU A 111 11.40 -18.88 14.26
CA LEU A 111 11.64 -18.19 13.00
C LEU A 111 12.68 -18.92 12.15
N ASN A 112 13.77 -19.38 12.79
CA ASN A 112 14.80 -20.11 12.06
C ASN A 112 14.33 -21.51 11.67
N LYS A 113 13.44 -22.11 12.47
CA LYS A 113 12.89 -23.41 12.11
C LYS A 113 12.04 -23.31 10.85
N MET A 114 11.41 -22.16 10.62
CA MET A 114 10.62 -21.92 9.42
C MET A 114 11.46 -21.40 8.26
N THR A 115 12.78 -21.28 8.43
CA THR A 115 13.66 -20.83 7.37
C THR A 115 14.45 -21.96 6.72
N GLU A 116 14.56 -23.10 7.39
CA GLU A 116 15.30 -24.23 6.85
C GLU A 116 14.41 -25.46 6.76
N GLU A 119 14.46 -21.43 1.75
CA GLU A 119 14.40 -22.24 0.55
C GLU A 119 12.96 -22.59 0.20
N ASP A 120 12.08 -22.55 1.20
CA ASP A 120 10.68 -22.93 0.98
C ASP A 120 9.95 -21.89 0.13
N GLY A 121 10.40 -20.64 0.15
CA GLY A 121 9.67 -19.56 -0.47
C GLY A 121 8.54 -19.01 0.36
N GLN A 122 8.20 -19.65 1.47
CA GLN A 122 7.16 -19.19 2.38
C GLN A 122 7.75 -19.10 3.79
N SER A 123 8.19 -17.91 4.18
CA SER A 123 8.75 -17.69 5.49
C SER A 123 7.69 -17.12 6.44
N THR A 124 8.01 -17.16 7.73
CA THR A 124 7.07 -16.67 8.75
C THR A 124 6.69 -15.23 8.48
N SER A 125 7.69 -14.38 8.22
CA SER A 125 7.41 -12.97 7.94
C SER A 125 6.58 -12.81 6.67
N GLU A 126 6.89 -13.60 5.63
CA GLU A 126 6.11 -13.51 4.40
C GLU A 126 4.69 -14.00 4.60
N LEU A 127 4.51 -15.08 5.38
CA LEU A 127 3.17 -15.56 5.67
C LEU A 127 2.40 -14.56 6.51
N ILE A 128 3.10 -13.86 7.41
CA ILE A 128 2.46 -12.84 8.23
C ILE A 128 1.99 -11.67 7.38
N GLY A 129 2.86 -11.20 6.48
CA GLY A 129 2.46 -10.12 5.59
C GLY A 129 1.34 -10.51 4.66
N GLN A 130 1.25 -11.79 4.29
CA GLN A 130 0.22 -12.23 3.35
C GLN A 130 -1.10 -12.52 4.07
N PHE A 131 -1.05 -13.26 5.16
CA PHE A 131 -2.26 -13.75 5.82
C PHE A 131 -2.46 -13.25 7.24
N GLY A 132 -1.50 -12.52 7.80
CA GLY A 132 -1.60 -12.13 9.20
C GLY A 132 -2.77 -11.19 9.47
N VAL A 133 -2.96 -10.20 8.59
CA VAL A 133 -4.02 -9.21 8.81
C VAL A 133 -5.38 -9.89 8.76
N GLY A 134 -5.60 -10.79 7.81
CA GLY A 134 -6.88 -11.45 7.71
C GLY A 134 -7.14 -12.41 8.86
N PHE A 135 -6.11 -13.15 9.27
CA PHE A 135 -6.28 -14.14 10.33
C PHE A 135 -6.61 -13.48 11.66
N TYR A 136 -5.83 -12.47 12.05
CA TYR A 136 -5.99 -11.89 13.39
C TYR A 136 -7.14 -10.90 13.45
N SER A 137 -7.50 -10.26 12.33
CA SER A 137 -8.69 -9.43 12.31
C SER A 137 -9.96 -10.26 12.49
N ALA A 138 -9.89 -11.57 12.22
CA ALA A 138 -11.04 -12.43 12.49
C ALA A 138 -11.36 -12.49 13.98
N PHE A 139 -10.35 -12.33 14.83
CA PHE A 139 -10.55 -12.34 16.27
C PHE A 139 -11.13 -11.04 16.80
N LEU A 140 -11.33 -10.05 15.93
CA LEU A 140 -12.09 -8.87 16.31
C LEU A 140 -13.56 -9.20 16.59
N VAL A 141 -14.11 -10.16 15.86
CA VAL A 141 -15.51 -10.54 16.00
C VAL A 141 -15.70 -11.99 16.44
N ALA A 142 -14.65 -12.80 16.44
CA ALA A 142 -14.77 -14.22 16.72
C ALA A 142 -13.93 -14.62 17.92
N ASP A 143 -14.40 -15.63 18.63
CA ASP A 143 -13.64 -16.24 19.72
C ASP A 143 -12.77 -17.40 19.23
N LYS A 144 -13.18 -18.08 18.16
CA LYS A 144 -12.44 -19.20 17.62
C LYS A 144 -12.53 -19.16 16.10
N VAL A 145 -11.51 -19.73 15.45
CA VAL A 145 -11.47 -19.85 14.00
C VAL A 145 -11.29 -21.32 13.67
N ILE A 146 -12.24 -21.88 12.91
CA ILE A 146 -12.23 -23.29 12.52
C ILE A 146 -12.08 -23.35 11.01
N VAL A 147 -11.10 -24.13 10.54
CA VAL A 147 -10.73 -24.19 9.14
C VAL A 147 -10.94 -25.62 8.65
N THR A 148 -11.89 -25.79 7.73
CA THR A 148 -12.08 -27.05 7.02
C THR A 148 -11.50 -26.90 5.62
N SER A 149 -10.47 -27.68 5.32
CA SER A 149 -9.74 -27.52 4.07
C SER A 149 -9.46 -28.87 3.45
N LYS A 150 -9.58 -28.95 2.12
CA LYS A 150 -9.23 -30.15 1.36
C LYS A 150 -8.37 -29.73 0.18
N HIS A 151 -7.11 -30.14 0.21
CA HIS A 151 -6.16 -29.92 -0.87
C HIS A 151 -6.18 -31.11 -1.83
N ASN A 152 -5.74 -30.87 -3.07
CA ASN A 152 -5.70 -31.94 -4.05
C ASN A 152 -4.74 -33.05 -3.66
N ASN A 153 -3.72 -32.76 -2.85
CA ASN A 153 -2.70 -33.72 -2.48
C ASN A 153 -2.82 -34.18 -1.04
N ASP A 154 -4.04 -34.17 -0.49
CA ASP A 154 -4.26 -34.57 0.89
C ASP A 154 -5.75 -34.83 1.09
N THR A 155 -6.08 -35.38 2.26
CA THR A 155 -7.46 -35.59 2.64
C THR A 155 -7.97 -34.40 3.44
N GLN A 156 -9.30 -34.30 3.53
CA GLN A 156 -9.92 -33.17 4.19
C GLN A 156 -9.64 -33.19 5.69
N HIS A 157 -9.19 -32.05 6.22
CA HIS A 157 -8.91 -31.89 7.63
C HIS A 157 -9.74 -30.74 8.19
N ILE A 158 -9.84 -30.71 9.52
CA ILE A 158 -10.46 -29.59 10.22
C ILE A 158 -9.47 -29.08 11.25
N TRP A 159 -9.33 -27.76 11.32
CA TRP A 159 -8.28 -27.09 12.08
C TRP A 159 -8.90 -25.98 12.91
N GLU A 160 -8.51 -25.89 14.18
CA GLU A 160 -9.11 -24.95 15.11
C GLU A 160 -8.04 -24.22 15.89
N SER A 161 -8.30 -22.94 16.19
CA SER A 161 -7.38 -22.15 16.99
C SER A 161 -8.13 -21.00 17.64
N ASP A 162 -7.68 -20.63 18.84
CA ASP A 162 -8.12 -19.42 19.52
C ASP A 162 -7.05 -18.36 19.55
N SER A 163 -6.06 -18.45 18.65
CA SER A 163 -4.86 -17.63 18.54
C SER A 163 -3.84 -17.94 19.64
N ASN A 164 -4.10 -18.92 20.50
CA ASN A 164 -3.11 -19.34 21.50
C ASN A 164 -2.61 -20.75 21.27
N GLU A 165 -3.52 -21.73 21.15
CA GLU A 165 -3.19 -23.09 20.77
C GLU A 165 -3.91 -23.42 19.47
N PHE A 166 -3.58 -24.58 18.90
CA PHE A 166 -4.28 -25.05 17.72
C PHE A 166 -4.33 -26.57 17.73
N SER A 167 -5.34 -27.11 17.06
CA SER A 167 -5.53 -28.55 16.96
C SER A 167 -6.13 -28.86 15.59
N VAL A 168 -5.76 -30.03 15.05
CA VAL A 168 -6.23 -30.45 13.75
C VAL A 168 -6.53 -31.94 13.78
N ILE A 169 -7.69 -32.32 13.23
CA ILE A 169 -8.09 -33.70 13.07
C ILE A 169 -8.47 -33.92 11.61
N ALA A 170 -8.59 -35.20 11.25
CA ALA A 170 -9.14 -35.57 9.96
C ALA A 170 -10.66 -35.42 10.00
N ASP A 171 -11.23 -34.90 8.92
CA ASP A 171 -12.67 -34.69 8.87
C ASP A 171 -13.40 -36.03 8.92
N PRO A 172 -14.21 -36.29 9.96
CA PRO A 172 -14.97 -37.55 9.97
C PRO A 172 -15.97 -37.64 8.83
N ARG A 173 -16.44 -36.51 8.30
CA ARG A 173 -17.34 -36.51 7.17
C ARG A 173 -16.65 -36.84 5.86
N GLY A 174 -15.33 -36.94 5.84
CA GLY A 174 -14.62 -37.26 4.61
C GLY A 174 -14.46 -36.05 3.70
N ASN A 175 -14.35 -36.33 2.41
CA ASN A 175 -14.09 -35.30 1.40
C ASN A 175 -15.42 -34.67 1.00
N THR A 176 -15.85 -33.66 1.75
CA THR A 176 -17.08 -32.95 1.43
C THR A 176 -16.86 -31.74 0.54
N LEU A 177 -15.69 -31.10 0.64
CA LEU A 177 -15.43 -29.90 -0.16
C LEU A 177 -15.02 -30.24 -1.59
N GLY A 178 -14.37 -31.39 -1.79
CA GLY A 178 -13.79 -31.70 -3.09
C GLY A 178 -12.47 -31.00 -3.28
N ARG A 179 -12.48 -29.68 -3.14
CA ARG A 179 -11.28 -28.87 -3.14
C ARG A 179 -11.63 -27.49 -2.60
N GLY A 180 -10.74 -26.91 -1.81
CA GLY A 180 -10.96 -25.59 -1.28
C GLY A 180 -10.90 -25.50 0.23
N THR A 181 -11.48 -24.44 0.80
CA THR A 181 -11.39 -24.16 2.22
C THR A 181 -12.68 -23.52 2.71
N THR A 182 -13.11 -23.91 3.91
CA THR A 182 -14.21 -23.27 4.61
C THR A 182 -13.67 -22.66 5.88
N ILE A 183 -13.68 -21.33 5.97
CA ILE A 183 -13.32 -20.63 7.19
C ILE A 183 -14.58 -20.44 8.02
N THR A 184 -14.53 -20.90 9.27
CA THR A 184 -15.67 -20.82 10.18
C THR A 184 -15.29 -19.96 11.37
N LEU A 185 -16.09 -18.91 11.62
CA LEU A 185 -15.87 -18.01 12.73
C LEU A 185 -16.95 -18.25 13.77
N VAL A 186 -16.53 -18.57 14.99
CA VAL A 186 -17.44 -18.66 16.13
C VAL A 186 -17.51 -17.26 16.72
N LEU A 187 -18.49 -16.49 16.26
CA LEU A 187 -18.54 -15.08 16.61
C LEU A 187 -18.94 -14.88 18.07
N LYS A 188 -18.52 -13.74 18.62
CA LYS A 188 -18.92 -13.36 19.96
C LYS A 188 -20.39 -12.94 19.96
N GLU A 189 -20.95 -12.81 21.16
CA GLU A 189 -22.32 -12.31 21.28
C GLU A 189 -22.42 -10.85 20.88
N GLU A 190 -21.35 -10.07 21.12
CA GLU A 190 -21.32 -8.67 20.70
C GLU A 190 -21.16 -8.52 19.20
N ALA A 191 -20.88 -9.61 18.48
CA ALA A 191 -20.75 -9.58 17.02
C ALA A 191 -21.95 -10.22 16.33
N SER A 192 -23.09 -10.31 17.02
CA SER A 192 -24.27 -10.95 16.46
C SER A 192 -24.83 -10.19 15.25
N ASP A 193 -24.42 -8.94 15.07
CA ASP A 193 -24.86 -8.17 13.91
C ASP A 193 -24.50 -8.88 12.61
N TYR A 194 -23.35 -9.58 12.58
CA TYR A 194 -22.87 -10.21 11.37
C TYR A 194 -23.54 -11.56 11.11
N LEU A 195 -24.50 -11.97 11.93
CA LEU A 195 -25.37 -13.07 11.60
C LEU A 195 -26.61 -12.60 10.84
N GLU A 196 -26.87 -11.31 10.81
CA GLU A 196 -28.01 -10.77 10.07
C GLU A 196 -27.71 -10.77 8.58
N LEU A 197 -28.68 -11.20 7.78
CA LEU A 197 -28.46 -11.35 6.35
C LEU A 197 -28.18 -10.02 5.67
N ASP A 198 -28.87 -8.95 6.09
CA ASP A 198 -28.78 -7.68 5.39
C ASP A 198 -27.40 -7.07 5.50
N THR A 199 -26.78 -7.11 6.69
CA THR A 199 -25.46 -6.52 6.86
C THR A 199 -24.41 -7.33 6.11
N ILE A 200 -24.56 -8.65 6.06
CA ILE A 200 -23.61 -9.49 5.34
C ILE A 200 -23.77 -9.29 3.84
N LYS A 201 -25.02 -9.28 3.35
CA LYS A 201 -25.25 -9.05 1.93
C LYS A 201 -24.71 -7.69 1.49
N ASN A 202 -24.92 -6.66 2.31
CA ASN A 202 -24.43 -5.34 1.97
C ASN A 202 -22.90 -5.30 1.98
N LEU A 203 -22.29 -5.83 3.03
CA LEU A 203 -20.83 -5.83 3.11
C LEU A 203 -20.21 -6.67 2.01
N VAL A 204 -20.80 -7.83 1.70
CA VAL A 204 -20.27 -8.70 0.67
C VAL A 204 -20.31 -8.00 -0.69
N LYS A 205 -21.47 -7.45 -1.04
CA LYS A 205 -21.59 -6.76 -2.33
C LYS A 205 -20.63 -5.59 -2.45
N LYS A 206 -20.31 -4.94 -1.33
CA LYS A 206 -19.32 -3.88 -1.33
C LYS A 206 -17.94 -4.41 -1.70
N TYR A 207 -17.46 -5.42 -0.97
CA TYR A 207 -16.13 -5.95 -1.17
C TYR A 207 -16.03 -6.89 -2.37
N SER A 208 -17.14 -7.26 -2.99
CA SER A 208 -17.13 -8.18 -4.12
C SER A 208 -17.36 -7.49 -5.45
N GLN A 209 -17.55 -6.17 -5.45
CA GLN A 209 -17.83 -5.46 -6.69
C GLN A 209 -16.71 -5.64 -7.71
N PHE A 210 -15.46 -5.69 -7.25
CA PHE A 210 -14.31 -5.75 -8.13
C PHE A 210 -13.65 -7.12 -8.14
N ILE A 211 -14.28 -8.13 -7.58
CA ILE A 211 -13.76 -9.50 -7.60
C ILE A 211 -14.26 -10.20 -8.86
N ASN A 212 -13.34 -10.78 -9.61
CA ASN A 212 -13.70 -11.47 -10.86
C ASN A 212 -14.42 -12.79 -10.62
N PHE A 213 -14.36 -13.33 -9.41
CA PHE A 213 -14.94 -14.63 -9.11
C PHE A 213 -16.36 -14.48 -8.57
N PRO A 214 -17.26 -15.39 -8.93
CA PRO A 214 -18.64 -15.30 -8.44
C PRO A 214 -18.67 -15.51 -6.92
N ILE A 215 -19.37 -14.59 -6.24
CA ILE A 215 -19.45 -14.61 -4.78
C ILE A 215 -20.92 -14.70 -4.40
N TYR A 216 -21.27 -15.73 -3.64
CA TYR A 216 -22.65 -16.01 -3.27
C TYR A 216 -22.85 -15.85 -1.77
N VAL A 217 -24.07 -15.49 -1.40
CA VAL A 217 -24.49 -15.42 0.00
C VAL A 217 -25.78 -16.23 0.15
N TRP A 218 -25.81 -17.13 1.13
CA TRP A 218 -27.00 -17.91 1.43
C TRP A 218 -28.14 -16.98 1.82
N SER A 219 -29.06 -16.71 0.90
CA SER A 219 -30.13 -15.74 1.11
C SER A 219 -31.49 -16.42 0.98
N SER A 220 -32.51 -15.72 1.48
CA SER A 220 -33.88 -16.22 1.47
C SER A 220 -34.69 -15.56 0.34
N THR A 228 -39.51 -17.36 0.94
CA THR A 228 -39.63 -18.31 2.04
C THR A 228 -38.67 -19.48 1.86
N VAL A 229 -37.90 -19.45 0.78
CA VAL A 229 -36.97 -20.52 0.45
C VAL A 229 -35.56 -19.94 0.40
N TRP A 230 -34.59 -20.73 0.84
CA TRP A 230 -33.20 -20.31 0.89
C TRP A 230 -32.40 -20.93 -0.25
N ASP A 231 -31.47 -20.16 -0.80
CA ASP A 231 -30.59 -20.65 -1.86
C ASP A 231 -29.45 -19.65 -2.02
N TRP A 232 -28.44 -20.05 -2.78
CA TRP A 232 -27.31 -19.16 -3.07
C TRP A 232 -27.77 -17.99 -3.93
N GLU A 233 -27.40 -16.79 -3.51
CA GLU A 233 -27.74 -15.56 -4.22
C GLU A 233 -26.47 -14.92 -4.78
N LEU A 234 -26.46 -14.66 -6.09
CA LEU A 234 -25.35 -13.95 -6.70
C LEU A 234 -25.21 -12.56 -6.11
N MET A 235 -23.99 -12.24 -5.67
CA MET A 235 -23.66 -10.90 -5.20
C MET A 235 -22.60 -10.24 -6.10
N ASN A 236 -22.39 -10.79 -7.29
CA ASN A 236 -21.32 -10.37 -8.20
C ASN A 236 -19.94 -10.51 -7.54
N SER B 2 -2.96 -15.21 -12.75
CA SER B 2 -4.00 -15.52 -11.77
C SER B 2 -5.40 -15.41 -12.40
N HIS B 3 -5.60 -14.34 -13.18
CA HIS B 3 -6.86 -14.17 -13.89
C HIS B 3 -6.65 -13.50 -15.25
N MET B 4 -5.52 -13.77 -15.89
CA MET B 4 -5.19 -13.25 -17.22
C MET B 4 -3.92 -13.96 -17.68
N LEU B 5 -3.53 -13.70 -18.92
CA LEU B 5 -2.38 -14.38 -19.52
C LEU B 5 -1.10 -13.59 -19.31
N ARG B 6 -0.02 -14.31 -19.01
CA ARG B 6 1.32 -13.73 -18.91
C ARG B 6 1.38 -12.62 -17.86
N GLU B 7 0.76 -12.87 -16.70
CA GLU B 7 0.63 -11.85 -15.68
C GLU B 7 1.94 -11.54 -14.96
N LYS B 8 2.99 -12.32 -15.17
CA LYS B 8 4.27 -12.11 -14.49
C LYS B 8 5.38 -11.77 -15.48
N SER B 9 5.06 -11.03 -16.54
CA SER B 9 6.02 -10.66 -17.55
C SER B 9 6.35 -9.17 -17.47
N GLU B 10 7.50 -8.81 -18.03
CA GLU B 10 7.97 -7.43 -17.99
C GLU B 10 7.00 -6.48 -18.70
N LYS B 11 6.36 -6.95 -19.78
CA LYS B 11 5.39 -6.11 -20.48
C LYS B 11 4.12 -5.93 -19.65
N PHE B 12 3.68 -7.00 -18.98
CA PHE B 12 2.48 -6.90 -18.15
C PHE B 12 2.76 -6.14 -16.86
N ALA B 13 3.92 -6.38 -16.25
CA ALA B 13 4.28 -5.65 -15.04
C ALA B 13 4.43 -4.16 -15.32
N PHE B 14 4.95 -3.81 -16.49
CA PHE B 14 5.04 -2.40 -16.87
C PHE B 14 3.66 -1.76 -16.97
N GLN B 15 2.74 -2.43 -17.67
CA GLN B 15 1.39 -1.89 -17.81
C GLN B 15 0.69 -1.80 -16.47
N ALA B 16 0.87 -2.81 -15.60
CA ALA B 16 0.28 -2.76 -14.27
C ALA B 16 0.91 -1.67 -13.43
N GLU B 17 2.22 -1.47 -13.56
CA GLU B 17 2.90 -0.44 -12.78
C GLU B 17 2.49 0.96 -13.23
N VAL B 18 2.34 1.15 -14.55
CA VAL B 18 1.95 2.47 -15.05
C VAL B 18 0.51 2.79 -14.67
N ASN B 19 -0.36 1.78 -14.66
CA ASN B 19 -1.74 2.00 -14.25
C ASN B 19 -1.81 2.39 -12.78
N ARG B 20 -1.00 1.77 -11.93
CA ARG B 20 -1.00 2.11 -10.51
C ARG B 20 -0.59 3.56 -10.29
N MET B 21 0.47 4.00 -10.98
CA MET B 21 0.92 5.38 -10.84
C MET B 21 -0.13 6.35 -11.34
N MET B 22 -0.79 6.01 -12.45
CA MET B 22 -1.85 6.86 -12.99
C MET B 22 -3.02 6.93 -12.03
N LYS B 23 -3.37 5.80 -11.41
CA LYS B 23 -4.45 5.79 -10.42
C LYS B 23 -4.08 6.63 -9.19
N LEU B 24 -2.82 6.55 -8.76
CA LEU B 24 -2.39 7.32 -7.59
C LEU B 24 -2.43 8.82 -7.87
N ILE B 25 -2.00 9.23 -9.07
CA ILE B 25 -2.01 10.65 -9.43
C ILE B 25 -3.44 11.14 -9.56
N ILE B 26 -4.30 10.36 -10.24
CA ILE B 26 -5.70 10.76 -10.39
C ILE B 26 -6.38 10.86 -9.04
N ASN B 27 -6.13 9.89 -8.16
CA ASN B 27 -6.62 9.98 -6.79
C ASN B 27 -6.12 11.24 -6.10
N SER B 28 -4.86 11.60 -6.32
CA SER B 28 -4.32 12.81 -5.72
C SER B 28 -4.99 14.06 -6.26
N LEU B 29 -5.23 14.10 -7.57
CA LEU B 29 -5.95 15.22 -8.17
C LEU B 29 -7.40 15.28 -7.70
N TYR B 30 -7.94 14.14 -7.23
CA TYR B 30 -9.31 14.11 -6.74
C TYR B 30 -9.42 14.79 -5.38
N LYS B 31 -8.35 14.81 -4.59
CA LYS B 31 -8.36 15.42 -3.27
C LYS B 31 -7.37 16.56 -3.11
N ASN B 32 -6.53 16.83 -4.10
CA ASN B 32 -5.49 17.85 -4.02
C ASN B 32 -4.60 17.59 -2.80
N LYS B 33 -3.70 16.61 -2.92
CA LYS B 33 -2.89 16.17 -1.79
C LYS B 33 -1.45 16.66 -1.85
N GLU B 34 -1.06 17.36 -2.93
CA GLU B 34 0.30 17.86 -3.09
C GLU B 34 1.33 16.76 -2.92
N ILE B 35 1.06 15.63 -3.57
CA ILE B 35 1.91 14.45 -3.43
C ILE B 35 3.28 14.61 -4.07
N PHE B 36 3.49 15.64 -4.88
CA PHE B 36 4.79 15.85 -5.49
C PHE B 36 5.84 16.19 -4.42
N LEU B 37 5.45 16.96 -3.41
CA LEU B 37 6.40 17.31 -2.36
C LEU B 37 6.65 16.15 -1.42
N ARG B 38 5.61 15.40 -1.07
CA ARG B 38 5.81 14.18 -0.29
C ARG B 38 6.74 13.22 -1.02
N GLU B 39 6.51 13.03 -2.32
CA GLU B 39 7.37 12.15 -3.10
C GLU B 39 8.81 12.67 -3.13
N LEU B 40 8.98 13.99 -3.23
CA LEU B 40 10.33 14.56 -3.27
C LEU B 40 11.06 14.32 -1.95
N ILE B 41 10.38 14.48 -0.82
CA ILE B 41 11.01 14.27 0.47
C ILE B 41 11.33 12.80 0.69
N SER B 42 10.35 11.92 0.42
CA SER B 42 10.58 10.49 0.59
C SER B 42 11.67 9.99 -0.35
N ASN B 43 11.66 10.47 -1.59
CA ASN B 43 12.68 10.06 -2.55
C ASN B 43 14.06 10.52 -2.12
N ALA B 44 14.17 11.73 -1.56
CA ALA B 44 15.44 12.19 -1.02
C ALA B 44 15.85 11.38 0.19
N SER B 45 14.90 10.98 1.02
CA SER B 45 15.21 10.18 2.20
C SER B 45 15.67 8.79 1.81
N ASP B 46 15.11 8.24 0.73
CA ASP B 46 15.53 6.91 0.27
C ASP B 46 16.96 6.94 -0.24
N ALA B 47 17.35 8.01 -0.93
CA ALA B 47 18.72 8.13 -1.42
C ALA B 47 19.71 8.23 -0.26
N LEU B 48 19.32 8.91 0.83
CA LEU B 48 20.18 8.95 2.01
C LEU B 48 20.23 7.60 2.70
N ASP B 49 19.11 6.89 2.72
CA ASP B 49 19.11 5.53 3.27
C ASP B 49 20.04 4.62 2.48
N LYS B 50 20.13 4.85 1.16
CA LYS B 50 20.97 3.99 0.32
C LYS B 50 22.45 4.26 0.57
N ILE B 51 22.84 5.54 0.59
CA ILE B 51 24.25 5.86 0.80
C ILE B 51 24.67 5.51 2.23
N ARG B 52 23.74 5.52 3.18
CA ARG B 52 24.07 5.10 4.54
C ARG B 52 24.25 3.59 4.60
N LEU B 53 23.42 2.84 3.89
CA LEU B 53 23.59 1.39 3.83
C LEU B 53 24.92 1.03 3.19
N ILE B 54 25.32 1.78 2.15
CA ILE B 54 26.58 1.50 1.48
C ILE B 54 27.76 1.76 2.41
N SER B 55 27.66 2.78 3.28
CA SER B 55 28.75 3.08 4.21
C SER B 55 28.97 1.95 5.22
N LEU B 56 27.99 1.07 5.40
CA LEU B 56 28.17 -0.06 6.31
C LEU B 56 29.30 -0.99 5.87
N THR B 57 29.74 -0.86 4.62
CA THR B 57 30.89 -1.60 4.10
C THR B 57 31.98 -0.68 3.59
N ASP B 58 31.64 0.27 2.72
CA ASP B 58 32.62 1.16 2.11
C ASP B 58 32.97 2.26 3.11
N GLU B 59 34.22 2.27 3.56
CA GLU B 59 34.65 3.25 4.54
C GLU B 59 34.71 4.66 3.94
N ASN B 60 35.31 4.78 2.76
CA ASN B 60 35.42 6.08 2.08
C ASN B 60 34.25 6.31 1.14
N ALA B 61 33.03 6.05 1.63
CA ALA B 61 31.83 6.29 0.85
C ALA B 61 31.23 7.65 1.10
N LEU B 62 31.33 8.17 2.31
CA LEU B 62 30.86 9.51 2.65
C LEU B 62 31.96 10.56 2.55
N ALA B 63 33.07 10.25 1.89
CA ALA B 63 34.20 11.18 1.86
C ALA B 63 33.84 12.47 1.14
N GLY B 64 33.11 12.38 0.03
CA GLY B 64 32.76 13.58 -0.73
C GLY B 64 31.82 14.52 -0.01
N ASN B 65 31.09 14.03 1.00
CA ASN B 65 30.16 14.85 1.76
C ASN B 65 29.75 14.11 3.03
N GLU B 66 30.23 14.59 4.19
CA GLU B 66 30.06 13.86 5.44
C GLU B 66 28.70 14.08 6.07
N GLU B 67 27.89 15.01 5.58
CA GLU B 67 26.56 15.26 6.13
C GLU B 67 25.51 14.52 5.33
N LEU B 68 24.42 14.16 6.02
CA LEU B 68 23.30 13.42 5.43
C LEU B 68 22.03 14.25 5.67
N THR B 69 21.73 15.16 4.74
CA THR B 69 20.67 16.14 4.94
C THR B 69 19.76 16.23 3.71
N VAL B 70 18.61 16.85 3.91
CA VAL B 70 17.72 17.28 2.85
C VAL B 70 17.54 18.78 2.99
N LYS B 71 17.85 19.52 1.92
CA LYS B 71 17.86 20.98 1.98
C LYS B 71 16.97 21.53 0.89
N ILE B 72 15.93 22.25 1.28
CA ILE B 72 14.91 22.77 0.37
C ILE B 72 15.05 24.29 0.31
N LYS B 73 15.05 24.84 -0.91
CA LYS B 73 15.23 26.27 -1.13
C LYS B 73 14.29 26.74 -2.24
N CYS B 74 13.74 27.93 -2.05
CA CYS B 74 12.82 28.53 -3.02
C CYS B 74 13.52 29.67 -3.75
N ASP B 75 13.20 29.82 -5.03
CA ASP B 75 13.65 30.92 -5.87
C ASP B 75 12.39 31.63 -6.38
N LYS B 76 11.84 32.53 -5.55
CA LYS B 76 10.61 33.23 -5.91
C LYS B 76 10.76 34.01 -7.21
N GLU B 77 11.97 34.49 -7.51
CA GLU B 77 12.20 35.23 -8.74
C GLU B 77 12.06 34.35 -9.96
N LYS B 78 12.92 33.35 -10.09
CA LYS B 78 12.94 32.47 -11.26
C LYS B 78 11.86 31.40 -11.22
N ASN B 79 11.05 31.34 -10.16
CA ASN B 79 9.98 30.34 -10.03
C ASN B 79 10.54 28.92 -10.05
N LEU B 80 11.43 28.65 -9.09
CA LEU B 80 12.11 27.36 -8.99
C LEU B 80 11.97 26.80 -7.59
N LEU B 81 11.77 25.48 -7.50
CA LEU B 81 11.78 24.76 -6.24
C LEU B 81 12.96 23.80 -6.26
N HIS B 82 13.81 23.89 -5.24
CA HIS B 82 15.00 23.06 -5.15
C HIS B 82 14.87 22.12 -3.95
N VAL B 83 15.16 20.84 -4.19
CA VAL B 83 15.21 19.82 -3.14
C VAL B 83 16.54 19.10 -3.28
N THR B 84 17.46 19.37 -2.36
CA THR B 84 18.82 18.85 -2.43
C THR B 84 19.04 17.82 -1.33
N ASP B 85 19.44 16.62 -1.72
CA ASP B 85 19.82 15.58 -0.78
C ASP B 85 21.29 15.24 -0.99
N THR B 86 21.93 14.80 0.08
CA THR B 86 23.30 14.28 0.02
C THR B 86 23.32 12.76 0.05
N GLY B 87 22.41 12.14 -0.68
CA GLY B 87 22.31 10.69 -0.74
C GLY B 87 23.32 10.07 -1.68
N VAL B 88 22.95 8.91 -2.23
CA VAL B 88 23.87 8.14 -3.05
C VAL B 88 24.27 8.91 -4.30
N GLY B 89 23.35 9.69 -4.86
CA GLY B 89 23.60 10.37 -6.12
C GLY B 89 23.32 9.46 -7.31
N MET B 90 23.60 9.99 -8.49
CA MET B 90 23.31 9.29 -9.73
C MET B 90 24.44 9.51 -10.72
N THR B 91 24.94 8.43 -11.31
CA THR B 91 25.90 8.56 -12.39
C THR B 91 25.20 9.02 -13.66
N ARG B 92 26.00 9.34 -14.68
CA ARG B 92 25.42 9.66 -15.99
C ARG B 92 24.74 8.46 -16.61
N GLU B 93 25.29 7.26 -16.38
CA GLU B 93 24.70 6.04 -16.92
C GLU B 93 23.28 5.85 -16.41
N GLU B 94 23.08 5.99 -15.10
CA GLU B 94 21.74 5.87 -14.54
C GLU B 94 20.84 7.02 -14.98
N LEU B 95 21.42 8.20 -15.21
CA LEU B 95 20.61 9.35 -15.61
C LEU B 95 20.09 9.20 -17.03
N VAL B 96 20.75 8.41 -17.86
CA VAL B 96 20.41 8.30 -19.27
C VAL B 96 19.70 6.98 -19.58
N LYS B 97 20.07 5.89 -18.91
CA LYS B 97 19.54 4.57 -19.24
C LYS B 97 18.39 4.17 -18.33
N ASN B 98 18.36 4.66 -17.10
CA ASN B 98 17.27 4.36 -16.18
C ASN B 98 16.26 5.50 -16.16
N LEU B 99 16.68 6.67 -15.68
CA LEU B 99 15.78 7.80 -15.59
C LEU B 99 15.45 8.36 -16.98
N GLY B 100 16.45 8.43 -17.86
CA GLY B 100 16.21 8.99 -19.18
C GLY B 100 15.25 8.16 -20.02
N THR B 101 15.37 6.83 -19.94
CA THR B 101 14.48 5.97 -20.71
C THR B 101 13.03 6.17 -20.31
N ILE B 102 12.77 6.45 -19.03
CA ILE B 102 11.42 6.71 -18.58
C ILE B 102 10.96 8.09 -19.01
N ALA B 103 11.86 9.09 -18.93
CA ALA B 103 11.48 10.45 -19.30
C ALA B 103 11.30 10.59 -20.81
N LYS B 104 12.12 9.90 -21.60
CA LYS B 104 12.00 9.98 -23.04
C LYS B 104 10.71 9.30 -23.50
N SER B 105 9.95 10.01 -24.34
CA SER B 105 8.65 9.51 -24.76
C SER B 105 8.77 8.18 -25.50
N GLY B 106 7.83 7.29 -25.25
CA GLY B 106 7.84 5.98 -25.88
C GLY B 106 8.61 4.93 -25.12
N THR B 107 8.58 4.95 -23.79
CA THR B 107 9.36 4.00 -22.99
C THR B 107 8.90 2.57 -23.22
N SER B 108 7.63 2.37 -23.58
CA SER B 108 7.08 1.02 -23.72
C SER B 108 7.79 0.20 -24.78
N GLU B 109 8.45 0.84 -25.74
CA GLU B 109 9.14 0.12 -26.81
C GLU B 109 10.54 -0.32 -26.43
N PHE B 110 11.01 -0.01 -25.22
CA PHE B 110 12.37 -0.31 -24.79
C PHE B 110 12.40 -1.12 -23.50
N LEU B 111 11.39 -1.97 -23.28
CA LEU B 111 11.38 -2.81 -22.08
C LEU B 111 12.25 -4.05 -22.26
N ASN B 112 12.17 -4.70 -23.43
CA ASN B 112 12.97 -5.89 -23.67
C ASN B 112 14.45 -5.57 -23.82
N LYS B 113 14.79 -4.33 -24.15
CA LYS B 113 16.19 -3.93 -24.30
C LYS B 113 16.87 -3.64 -22.97
N MET B 114 16.19 -3.85 -21.85
CA MET B 114 16.78 -3.67 -20.52
C MET B 114 17.01 -4.98 -19.81
N THR B 115 16.99 -6.10 -20.55
CA THR B 115 17.20 -7.41 -19.95
C THR B 115 18.64 -7.59 -19.47
N ASP B 120 20.45 -7.88 -15.60
CA ASP B 120 20.34 -6.49 -15.18
C ASP B 120 20.15 -6.41 -13.66
N GLY B 121 19.94 -5.20 -13.15
CA GLY B 121 19.71 -5.01 -11.74
C GLY B 121 18.35 -4.40 -11.47
N GLN B 122 18.01 -3.36 -12.23
CA GLN B 122 16.73 -2.66 -12.06
C GLN B 122 15.99 -2.66 -13.39
N SER B 123 14.74 -3.12 -13.37
CA SER B 123 13.91 -3.17 -14.57
C SER B 123 13.08 -1.88 -14.70
N THR B 124 12.53 -1.69 -15.90
CA THR B 124 11.75 -0.48 -16.18
C THR B 124 10.47 -0.47 -15.34
N SER B 125 9.80 -1.61 -15.22
CA SER B 125 8.60 -1.68 -14.39
C SER B 125 8.93 -1.45 -12.92
N GLU B 126 10.07 -1.98 -12.46
CA GLU B 126 10.50 -1.73 -11.09
C GLU B 126 10.79 -0.26 -10.86
N LEU B 127 11.52 0.36 -11.80
CA LEU B 127 11.79 1.79 -11.70
C LEU B 127 10.51 2.62 -11.73
N ILE B 128 9.48 2.15 -12.46
CA ILE B 128 8.20 2.83 -12.46
C ILE B 128 7.55 2.74 -11.08
N GLY B 129 7.50 1.52 -10.53
CA GLY B 129 6.84 1.33 -9.25
C GLY B 129 7.51 2.02 -8.08
N GLN B 130 8.77 2.44 -8.25
CA GLN B 130 9.52 3.09 -7.18
C GLN B 130 9.60 4.61 -7.36
N PHE B 131 9.94 5.07 -8.57
CA PHE B 131 10.16 6.48 -8.83
C PHE B 131 9.11 7.12 -9.73
N GLY B 132 8.17 6.33 -10.27
CA GLY B 132 7.28 6.86 -11.30
C GLY B 132 6.32 7.92 -10.77
N VAL B 133 5.68 7.63 -9.64
CA VAL B 133 4.77 8.61 -9.05
C VAL B 133 5.52 9.88 -8.67
N GLY B 134 6.76 9.73 -8.19
CA GLY B 134 7.53 10.91 -7.82
C GLY B 134 7.90 11.78 -9.01
N PHE B 135 8.27 11.15 -10.13
CA PHE B 135 8.70 11.92 -11.29
C PHE B 135 7.52 12.63 -11.96
N TYR B 136 6.42 11.91 -12.17
CA TYR B 136 5.32 12.45 -12.96
C TYR B 136 4.39 13.35 -12.14
N SER B 137 4.36 13.19 -10.83
CA SER B 137 3.61 14.14 -10.01
C SER B 137 4.28 15.51 -9.98
N ALA B 138 5.54 15.60 -10.37
CA ALA B 138 6.21 16.90 -10.46
C ALA B 138 5.60 17.75 -11.56
N PHE B 139 5.13 17.12 -12.63
CA PHE B 139 4.49 17.83 -13.73
C PHE B 139 3.07 18.26 -13.40
N LEU B 140 2.58 17.97 -12.19
CA LEU B 140 1.35 18.60 -11.72
C LEU B 140 1.54 20.10 -11.55
N VAL B 141 2.72 20.51 -11.08
CA VAL B 141 2.99 21.91 -10.78
C VAL B 141 4.19 22.47 -11.55
N ALA B 142 4.99 21.62 -12.19
CA ALA B 142 6.17 22.07 -12.91
C ALA B 142 6.01 21.78 -14.40
N ASP B 143 6.67 22.61 -15.22
CA ASP B 143 6.73 22.38 -16.66
C ASP B 143 7.97 21.58 -17.07
N LYS B 144 9.04 21.67 -16.29
CA LYS B 144 10.30 21.03 -16.62
C LYS B 144 10.99 20.61 -15.34
N VAL B 145 11.78 19.54 -15.43
CA VAL B 145 12.53 19.01 -14.29
C VAL B 145 14.01 19.09 -14.62
N ILE B 146 14.77 19.73 -13.73
CA ILE B 146 16.23 19.81 -13.85
C ILE B 146 16.83 19.01 -12.71
N VAL B 147 17.74 18.09 -13.04
CA VAL B 147 18.33 17.18 -12.06
C VAL B 147 19.84 17.38 -12.07
N THR B 148 20.38 17.87 -10.97
CA THR B 148 21.82 17.97 -10.75
C THR B 148 22.21 16.87 -9.78
N SER B 149 23.13 16.00 -10.20
CA SER B 149 23.50 14.85 -9.38
C SER B 149 24.99 14.56 -9.52
N LYS B 150 25.60 14.12 -8.43
CA LYS B 150 27.01 13.74 -8.38
C LYS B 150 27.10 12.40 -7.66
N HIS B 151 27.50 11.37 -8.39
CA HIS B 151 27.72 10.04 -7.82
C HIS B 151 29.20 9.84 -7.53
N ASN B 152 29.49 8.93 -6.61
CA ASN B 152 30.87 8.65 -6.25
C ASN B 152 31.66 8.08 -7.41
N ASN B 153 30.97 7.44 -8.37
CA ASN B 153 31.62 6.79 -9.50
C ASN B 153 31.40 7.55 -10.81
N ASP B 154 31.29 8.86 -10.74
CA ASP B 154 31.07 9.68 -11.93
C ASP B 154 31.30 11.14 -11.56
N THR B 155 31.39 11.98 -12.58
CA THR B 155 31.45 13.42 -12.37
C THR B 155 30.05 13.98 -12.18
N GLN B 156 29.99 15.25 -11.77
CA GLN B 156 28.71 15.90 -11.56
C GLN B 156 28.06 16.22 -12.90
N HIS B 157 26.79 15.84 -13.05
CA HIS B 157 26.05 16.03 -14.30
C HIS B 157 24.77 16.80 -14.03
N ILE B 158 24.23 17.39 -15.09
CA ILE B 158 22.94 18.05 -15.06
C ILE B 158 22.03 17.38 -16.08
N TRP B 159 20.74 17.30 -15.73
CA TRP B 159 19.78 16.49 -16.49
C TRP B 159 18.45 17.22 -16.51
N GLU B 160 17.93 17.49 -17.71
CA GLU B 160 16.69 18.21 -17.89
C GLU B 160 15.72 17.40 -18.73
N SER B 161 14.43 17.55 -18.45
CA SER B 161 13.41 16.86 -19.22
C SER B 161 12.06 17.53 -19.02
N ASP B 162 11.23 17.46 -20.05
CA ASP B 162 9.85 17.90 -20.01
C ASP B 162 8.89 16.72 -20.02
N SER B 163 9.37 15.52 -19.69
CA SER B 163 8.69 14.24 -19.78
C SER B 163 8.46 13.80 -21.22
N ASN B 164 8.87 14.59 -22.21
CA ASN B 164 8.74 14.24 -23.61
C ASN B 164 10.09 14.00 -24.27
N GLU B 165 11.04 14.91 -24.06
CA GLU B 165 12.41 14.76 -24.53
C GLU B 165 13.35 15.18 -23.40
N PHE B 166 14.44 14.44 -23.24
CA PHE B 166 15.36 14.71 -22.14
C PHE B 166 16.76 15.00 -22.69
N SER B 167 17.55 15.67 -21.86
CA SER B 167 18.90 16.08 -22.23
C SER B 167 19.78 16.04 -20.99
N VAL B 168 21.06 15.71 -21.19
CA VAL B 168 22.02 15.59 -20.10
C VAL B 168 23.31 16.27 -20.52
N ILE B 169 23.88 17.07 -19.61
CA ILE B 169 25.18 17.68 -19.82
C ILE B 169 26.05 17.47 -18.59
N ALA B 170 27.36 17.60 -18.78
CA ALA B 170 28.29 17.62 -17.67
C ALA B 170 28.28 18.99 -17.02
N ASP B 171 28.32 19.01 -15.69
CA ASP B 171 28.25 20.27 -14.96
C ASP B 171 29.51 21.07 -15.21
N PRO B 172 29.42 22.26 -15.82
CA PRO B 172 30.63 23.06 -16.04
C PRO B 172 31.28 23.54 -14.75
N ARG B 173 30.50 23.74 -13.69
CA ARG B 173 31.04 24.14 -12.40
C ARG B 173 31.82 23.02 -11.73
N GLY B 174 31.70 21.79 -12.20
CA GLY B 174 32.41 20.69 -11.58
C GLY B 174 31.63 20.08 -10.43
N ASN B 175 32.37 19.57 -9.45
CA ASN B 175 31.78 18.86 -8.32
C ASN B 175 31.40 19.89 -7.26
N THR B 176 30.20 20.45 -7.42
CA THR B 176 29.67 21.40 -6.46
C THR B 176 28.84 20.76 -5.38
N LEU B 177 28.28 19.58 -5.63
CA LEU B 177 27.42 18.91 -4.65
C LEU B 177 28.20 18.03 -3.69
N GLY B 178 29.41 17.63 -4.03
CA GLY B 178 30.15 16.66 -3.23
C GLY B 178 29.61 15.26 -3.45
N ARG B 179 28.34 15.07 -3.13
CA ARG B 179 27.62 13.81 -3.36
C ARG B 179 26.14 14.08 -3.15
N GLY B 180 25.31 13.37 -3.89
CA GLY B 180 23.87 13.53 -3.78
C GLY B 180 23.28 14.16 -5.01
N THR B 181 22.02 14.60 -4.87
CA THR B 181 21.23 15.08 -5.99
C THR B 181 20.51 16.36 -5.62
N THR B 182 20.47 17.30 -6.57
CA THR B 182 19.63 18.48 -6.49
C THR B 182 18.56 18.35 -7.57
N ILE B 183 17.30 18.30 -7.16
CA ILE B 183 16.17 18.17 -8.08
C ILE B 183 15.49 19.53 -8.15
N THR B 184 15.58 20.17 -9.32
CA THR B 184 15.00 21.50 -9.54
C THR B 184 13.69 21.36 -10.29
N LEU B 185 12.66 22.02 -9.78
CA LEU B 185 11.34 22.05 -10.42
C LEU B 185 11.14 23.43 -11.03
N VAL B 186 11.09 23.50 -12.35
CA VAL B 186 10.74 24.74 -13.03
C VAL B 186 9.24 24.93 -12.90
N LEU B 187 8.83 25.65 -11.86
CA LEU B 187 7.42 25.75 -11.51
C LEU B 187 6.63 26.49 -12.59
N LYS B 188 5.36 26.15 -12.69
CA LYS B 188 4.43 26.94 -13.47
C LYS B 188 4.09 28.23 -12.71
N GLU B 189 3.68 29.25 -13.46
CA GLU B 189 3.18 30.46 -12.82
C GLU B 189 1.88 30.20 -12.06
N GLU B 190 1.18 29.10 -12.38
CA GLU B 190 -0.07 28.80 -11.72
C GLU B 190 0.13 28.40 -10.26
N ALA B 191 1.31 27.87 -9.92
CA ALA B 191 1.61 27.33 -8.61
C ALA B 191 2.70 28.13 -7.91
N SER B 192 2.60 29.46 -7.98
CA SER B 192 3.59 30.32 -7.35
C SER B 192 3.55 30.22 -5.83
N ASP B 193 2.42 29.80 -5.26
CA ASP B 193 2.28 29.74 -3.81
C ASP B 193 3.26 28.78 -3.18
N TYR B 194 3.64 27.72 -3.90
CA TYR B 194 4.60 26.75 -3.37
C TYR B 194 5.97 27.35 -3.10
N LEU B 195 6.20 28.59 -3.54
CA LEU B 195 7.43 29.30 -3.24
C LEU B 195 7.31 30.22 -2.03
N GLU B 196 6.09 30.45 -1.56
CA GLU B 196 5.88 31.26 -0.36
C GLU B 196 6.46 30.56 0.85
N LEU B 197 7.26 31.29 1.63
CA LEU B 197 8.00 30.69 2.74
C LEU B 197 7.06 30.02 3.74
N ASP B 198 5.96 30.69 4.10
CA ASP B 198 5.08 30.16 5.12
C ASP B 198 4.46 28.83 4.70
N THR B 199 4.01 28.74 3.45
CA THR B 199 3.32 27.53 3.00
C THR B 199 4.30 26.38 2.78
N ILE B 200 5.48 26.67 2.23
CA ILE B 200 6.45 25.60 1.99
C ILE B 200 7.01 25.10 3.32
N LYS B 201 7.15 25.98 4.32
CA LYS B 201 7.58 25.55 5.64
C LYS B 201 6.54 24.64 6.28
N ASN B 202 5.26 24.95 6.10
CA ASN B 202 4.20 24.13 6.67
C ASN B 202 4.14 22.77 6.00
N LEU B 203 4.23 22.73 4.67
CA LEU B 203 4.15 21.47 3.95
C LEU B 203 5.34 20.57 4.27
N VAL B 204 6.55 21.14 4.33
CA VAL B 204 7.74 20.36 4.62
C VAL B 204 7.68 19.82 6.05
N LYS B 205 7.33 20.68 7.00
CA LYS B 205 7.24 20.24 8.39
C LYS B 205 6.20 19.14 8.57
N LYS B 206 5.20 19.09 7.69
CA LYS B 206 4.17 18.07 7.81
C LYS B 206 4.68 16.72 7.30
N TYR B 207 5.45 16.72 6.21
CA TYR B 207 5.93 15.48 5.63
C TYR B 207 7.28 15.03 6.19
N SER B 208 7.91 15.81 7.06
CA SER B 208 9.22 15.47 7.59
C SER B 208 9.20 14.95 9.02
N GLN B 209 8.02 14.89 9.64
CA GLN B 209 7.94 14.52 11.05
C GLN B 209 8.51 13.14 11.32
N PHE B 210 8.39 12.22 10.38
CA PHE B 210 8.79 10.83 10.59
C PHE B 210 9.95 10.40 9.70
N ILE B 211 10.64 11.36 9.07
CA ILE B 211 11.88 11.09 8.37
C ILE B 211 13.01 11.24 9.38
N ASN B 212 13.91 10.26 9.43
CA ASN B 212 15.01 10.27 10.38
C ASN B 212 16.11 11.26 10.00
N PHE B 213 16.07 11.81 8.79
CA PHE B 213 17.15 12.71 8.40
C PHE B 213 16.73 14.15 8.56
N PRO B 214 17.67 15.02 8.93
CA PRO B 214 17.34 16.45 9.06
C PRO B 214 16.95 17.06 7.72
N ILE B 215 15.81 17.73 7.70
CA ILE B 215 15.32 18.42 6.52
C ILE B 215 15.30 19.91 6.82
N TYR B 216 16.01 20.69 6.02
CA TYR B 216 16.14 22.13 6.21
C TYR B 216 15.42 22.88 5.09
N VAL B 217 14.83 24.02 5.44
CA VAL B 217 14.22 24.93 4.49
C VAL B 217 14.93 26.27 4.59
N TRP B 218 15.37 26.79 3.45
CA TRP B 218 15.99 28.11 3.39
C TRP B 218 14.94 29.16 3.76
N SER B 219 15.00 29.66 5.00
CA SER B 219 14.03 30.62 5.51
C SER B 219 14.76 31.81 6.10
N SER B 220 13.99 32.85 6.41
CA SER B 220 14.53 34.12 6.91
C SER B 220 13.80 34.50 8.19
N LYS B 221 14.53 34.51 9.31
CA LYS B 221 13.98 34.86 10.61
C LYS B 221 14.27 36.31 11.00
N THR B 222 14.71 37.13 10.04
CA THR B 222 15.00 38.57 10.22
C THR B 222 15.46 38.97 11.62
N THR B 228 16.81 41.44 7.62
CA THR B 228 16.43 40.20 6.96
C THR B 228 17.66 39.34 6.71
N VAL B 229 17.76 38.22 7.42
CA VAL B 229 18.88 37.30 7.30
C VAL B 229 18.35 35.93 6.89
N TRP B 230 19.10 35.23 6.06
CA TRP B 230 18.71 33.95 5.49
C TRP B 230 19.61 32.84 6.01
N ASP B 231 19.01 31.68 6.28
CA ASP B 231 19.78 30.51 6.71
C ASP B 231 18.89 29.28 6.63
N TRP B 232 19.51 28.12 6.86
CA TRP B 232 18.78 26.86 6.91
C TRP B 232 18.05 26.74 8.24
N GLU B 233 16.74 26.51 8.18
CA GLU B 233 15.93 26.26 9.37
C GLU B 233 15.57 24.79 9.42
N LEU B 234 15.83 24.16 10.56
CA LEU B 234 15.60 22.73 10.71
C LEU B 234 14.11 22.45 10.84
N MET B 235 13.59 21.60 9.96
CA MET B 235 12.19 21.18 10.01
C MET B 235 11.98 19.87 10.73
N ASN B 236 13.04 19.13 11.02
CA ASN B 236 12.97 17.81 11.67
C ASN B 236 12.12 16.84 10.87
N PHE C 12 -14.94 20.18 -14.26
CA PHE C 12 -14.52 21.53 -14.61
C PHE C 12 -13.00 21.66 -14.58
N ALA C 13 -12.46 22.14 -13.47
CA ALA C 13 -11.01 22.29 -13.34
C ALA C 13 -10.31 20.96 -13.13
N PHE C 14 -10.97 20.02 -12.43
CA PHE C 14 -10.36 18.72 -12.16
C PHE C 14 -10.14 17.94 -13.46
N GLN C 15 -11.16 17.90 -14.32
CA GLN C 15 -11.09 17.10 -15.53
C GLN C 15 -10.05 17.63 -16.51
N ALA C 16 -9.85 18.96 -16.55
CA ALA C 16 -8.83 19.53 -17.42
C ALA C 16 -7.43 19.09 -16.99
N GLU C 17 -7.20 18.97 -15.68
CA GLU C 17 -5.90 18.54 -15.19
C GLU C 17 -5.70 17.05 -15.38
N VAL C 18 -6.76 16.25 -15.18
CA VAL C 18 -6.63 14.81 -15.36
C VAL C 18 -6.34 14.46 -16.81
N ASN C 19 -7.07 15.08 -17.74
CA ASN C 19 -6.84 14.83 -19.16
C ASN C 19 -5.44 15.27 -19.57
N ARG C 20 -4.96 16.39 -19.02
CA ARG C 20 -3.61 16.85 -19.32
C ARG C 20 -2.57 15.87 -18.80
N MET C 21 -2.73 15.44 -17.54
CA MET C 21 -1.80 14.46 -16.98
C MET C 21 -1.88 13.13 -17.73
N MET C 22 -3.08 12.74 -18.16
CA MET C 22 -3.23 11.52 -18.95
C MET C 22 -2.39 11.59 -20.22
N LYS C 23 -2.50 12.71 -20.95
CA LYS C 23 -1.75 12.85 -22.19
C LYS C 23 -0.24 12.87 -21.93
N LEU C 24 0.17 13.57 -20.88
CA LEU C 24 1.60 13.65 -20.56
C LEU C 24 2.15 12.27 -20.21
N ILE C 25 1.43 11.52 -19.37
CA ILE C 25 1.93 10.22 -18.92
C ILE C 25 1.89 9.21 -20.05
N ILE C 26 0.81 9.19 -20.83
CA ILE C 26 0.69 8.23 -21.92
C ILE C 26 1.78 8.50 -22.96
N ASN C 27 2.01 9.76 -23.29
CA ASN C 27 3.03 10.11 -24.27
C ASN C 27 4.42 9.75 -23.78
N SER C 28 4.67 9.93 -22.48
CA SER C 28 6.02 9.75 -21.94
C SER C 28 6.43 8.28 -21.90
N LEU C 29 5.49 7.38 -21.62
CA LEU C 29 5.82 5.98 -21.37
C LEU C 29 5.40 5.03 -22.48
N TYR C 30 4.38 5.36 -23.26
CA TYR C 30 3.85 4.45 -24.25
C TYR C 30 4.24 4.88 -25.66
N LYS C 31 4.70 3.91 -26.46
CA LYS C 31 5.00 4.16 -27.86
C LYS C 31 3.73 4.16 -28.70
N ASN C 32 2.77 3.30 -28.37
CA ASN C 32 1.45 3.30 -28.99
C ASN C 32 0.48 3.92 -27.99
N LYS C 33 0.17 5.19 -28.21
CA LYS C 33 -0.65 5.96 -27.27
C LYS C 33 -2.11 5.51 -27.29
N GLU C 34 -2.35 4.24 -27.59
CA GLU C 34 -3.69 3.69 -27.73
C GLU C 34 -4.14 2.95 -26.48
N ILE C 35 -4.04 3.64 -25.34
CA ILE C 35 -4.33 3.00 -24.07
C ILE C 35 -5.83 2.76 -23.93
N PHE C 36 -6.65 3.59 -24.58
CA PHE C 36 -8.10 3.42 -24.49
C PHE C 36 -8.53 2.08 -25.09
N LEU C 37 -7.89 1.66 -26.18
CA LEU C 37 -8.27 0.39 -26.80
C LEU C 37 -7.80 -0.80 -25.96
N ARG C 38 -6.60 -0.70 -25.37
CA ARG C 38 -6.15 -1.73 -24.44
C ARG C 38 -7.12 -1.87 -23.27
N GLU C 39 -7.51 -0.74 -22.68
CA GLU C 39 -8.43 -0.79 -21.53
C GLU C 39 -9.79 -1.35 -21.94
N LEU C 40 -10.27 -0.98 -23.14
CA LEU C 40 -11.54 -1.49 -23.61
C LEU C 40 -11.50 -3.01 -23.77
N ILE C 41 -10.42 -3.52 -24.38
CA ILE C 41 -10.28 -4.96 -24.52
C ILE C 41 -10.11 -5.62 -23.16
N SER C 42 -9.35 -4.99 -22.26
CA SER C 42 -9.11 -5.57 -20.95
C SER C 42 -10.39 -5.64 -20.13
N ASN C 43 -11.16 -4.56 -20.11
CA ASN C 43 -12.43 -4.56 -19.37
C ASN C 43 -13.44 -5.52 -19.98
N ALA C 44 -13.41 -5.68 -21.31
CA ALA C 44 -14.29 -6.66 -21.95
C ALA C 44 -13.91 -8.08 -21.55
N SER C 45 -12.60 -8.33 -21.38
CA SER C 45 -12.16 -9.65 -20.92
C SER C 45 -12.69 -9.95 -19.53
N ASP C 46 -12.62 -8.96 -18.62
CA ASP C 46 -13.06 -9.19 -17.25
C ASP C 46 -14.55 -9.49 -17.19
N ALA C 47 -15.34 -8.81 -18.03
CA ALA C 47 -16.76 -9.13 -18.09
C ALA C 47 -16.99 -10.54 -18.61
N LEU C 48 -16.17 -10.97 -19.59
CA LEU C 48 -16.26 -12.34 -20.08
C LEU C 48 -15.81 -13.33 -19.01
N ASP C 49 -14.73 -12.99 -18.29
CA ASP C 49 -14.26 -13.86 -17.22
C ASP C 49 -15.33 -14.04 -16.15
N LYS C 50 -16.04 -12.95 -15.81
CA LYS C 50 -17.07 -13.04 -14.79
C LYS C 50 -18.18 -14.00 -15.20
N ILE C 51 -18.74 -13.80 -16.40
CA ILE C 51 -19.88 -14.61 -16.84
C ILE C 51 -19.48 -16.04 -17.15
N ARG C 52 -18.21 -16.31 -17.46
CA ARG C 52 -17.79 -17.69 -17.67
C ARG C 52 -17.60 -18.40 -16.34
N LEU C 53 -17.05 -17.71 -15.34
CA LEU C 53 -16.90 -18.31 -14.02
C LEU C 53 -18.26 -18.54 -13.37
N ILE C 54 -19.21 -17.63 -13.60
CA ILE C 54 -20.58 -17.85 -13.15
C ILE C 54 -21.17 -19.05 -13.86
N SER C 55 -20.88 -19.20 -15.15
CA SER C 55 -21.36 -20.34 -15.91
C SER C 55 -20.77 -21.67 -15.43
N LEU C 56 -19.66 -21.64 -14.69
CA LEU C 56 -19.08 -22.86 -14.16
C LEU C 56 -19.95 -23.51 -13.10
N THR C 57 -20.86 -22.76 -12.48
CA THR C 57 -21.77 -23.29 -11.48
C THR C 57 -23.24 -23.09 -11.84
N ASP C 58 -23.57 -22.07 -12.63
CA ASP C 58 -24.93 -21.87 -13.14
C ASP C 58 -24.97 -22.39 -14.57
N GLU C 59 -25.68 -23.49 -14.78
CA GLU C 59 -25.76 -24.08 -16.13
C GLU C 59 -26.45 -23.12 -17.10
N ASN C 60 -27.63 -22.63 -16.72
CA ASN C 60 -28.40 -21.73 -17.57
C ASN C 60 -27.96 -20.27 -17.42
N ALA C 61 -26.65 -20.01 -17.38
CA ALA C 61 -26.14 -18.65 -17.28
C ALA C 61 -25.77 -18.06 -18.63
N LEU C 62 -25.38 -18.89 -19.59
CA LEU C 62 -25.02 -18.43 -20.93
C LEU C 62 -26.17 -18.56 -21.92
N ALA C 63 -27.41 -18.58 -21.43
CA ALA C 63 -28.55 -18.82 -22.31
C ALA C 63 -28.77 -17.67 -23.28
N GLY C 64 -28.56 -16.43 -22.83
CA GLY C 64 -28.74 -15.28 -23.70
C GLY C 64 -27.72 -15.17 -24.81
N ASN C 65 -26.54 -15.79 -24.63
CA ASN C 65 -25.50 -15.81 -25.65
C ASN C 65 -24.46 -16.85 -25.29
N GLU C 66 -24.47 -17.99 -25.99
CA GLU C 66 -23.59 -19.10 -25.62
C GLU C 66 -22.13 -18.84 -25.97
N GLU C 67 -21.83 -17.85 -26.79
CA GLU C 67 -20.45 -17.55 -27.16
C GLU C 67 -19.85 -16.52 -26.21
N LEU C 68 -18.52 -16.53 -26.12
CA LEU C 68 -17.76 -15.62 -25.27
C LEU C 68 -16.66 -15.01 -26.13
N THR C 69 -16.96 -13.88 -26.77
CA THR C 69 -16.04 -13.24 -27.71
C THR C 69 -15.96 -11.75 -27.44
N VAL C 70 -15.02 -11.11 -28.15
CA VAL C 70 -14.90 -9.66 -28.22
C VAL C 70 -14.84 -9.29 -29.69
N LYS C 71 -15.80 -8.51 -30.16
CA LYS C 71 -15.91 -8.16 -31.57
C LYS C 71 -15.75 -6.66 -31.74
N ILE C 72 -14.74 -6.25 -32.51
CA ILE C 72 -14.42 -4.85 -32.73
C ILE C 72 -14.78 -4.49 -34.17
N LYS C 73 -15.45 -3.35 -34.35
CA LYS C 73 -15.92 -2.91 -35.66
C LYS C 73 -15.72 -1.42 -35.78
N CYS C 74 -15.20 -0.99 -36.93
CA CYS C 74 -15.07 0.43 -37.25
C CYS C 74 -16.20 0.86 -38.17
N ASP C 75 -16.57 2.14 -38.05
CA ASP C 75 -17.52 2.79 -38.96
C ASP C 75 -16.87 4.07 -39.44
N LYS C 76 -16.13 3.97 -40.55
CA LYS C 76 -15.42 5.12 -41.08
C LYS C 76 -16.38 6.24 -41.47
N GLU C 77 -17.58 5.88 -41.95
CA GLU C 77 -18.56 6.89 -42.36
C GLU C 77 -19.06 7.68 -41.15
N LYS C 78 -19.70 7.00 -40.21
CA LYS C 78 -20.28 7.65 -39.03
C LYS C 78 -19.23 8.01 -37.97
N ASN C 79 -17.94 7.73 -38.22
CA ASN C 79 -16.87 8.07 -37.30
C ASN C 79 -17.09 7.40 -35.94
N LEU C 80 -17.26 6.07 -35.96
CA LEU C 80 -17.60 5.29 -34.78
C LEU C 80 -16.64 4.13 -34.62
N LEU C 81 -16.27 3.85 -33.37
CA LEU C 81 -15.52 2.65 -33.01
C LEU C 81 -16.35 1.83 -32.04
N HIS C 82 -16.55 0.56 -32.37
CA HIS C 82 -17.38 -0.34 -31.57
C HIS C 82 -16.50 -1.41 -30.94
N VAL C 83 -16.67 -1.62 -29.64
CA VAL C 83 -16.04 -2.72 -28.92
C VAL C 83 -17.16 -3.46 -28.21
N THR C 84 -17.54 -4.62 -28.73
CA THR C 84 -18.67 -5.39 -28.22
C THR C 84 -18.16 -6.69 -27.62
N ASP C 85 -18.60 -6.99 -26.39
CA ASP C 85 -18.31 -8.25 -25.74
C ASP C 85 -19.60 -8.93 -25.32
N THR C 86 -19.55 -10.24 -25.19
CA THR C 86 -20.68 -11.04 -24.71
C THR C 86 -20.51 -11.42 -23.24
N GLY C 87 -19.95 -10.52 -22.45
CA GLY C 87 -19.64 -10.80 -21.06
C GLY C 87 -20.85 -10.71 -20.14
N VAL C 88 -20.57 -10.44 -18.87
CA VAL C 88 -21.61 -10.46 -17.84
C VAL C 88 -22.64 -9.36 -18.10
N GLY C 89 -22.24 -8.26 -18.72
CA GLY C 89 -23.15 -7.16 -18.93
C GLY C 89 -23.32 -6.29 -17.70
N MET C 90 -24.25 -5.34 -17.83
CA MET C 90 -24.52 -4.35 -16.80
C MET C 90 -26.03 -4.18 -16.62
N THR C 91 -26.49 -4.21 -15.37
CA THR C 91 -27.86 -3.82 -15.10
C THR C 91 -27.99 -2.30 -15.16
N ARG C 92 -29.22 -1.82 -15.11
CA ARG C 92 -29.44 -0.38 -15.13
C ARG C 92 -28.84 0.28 -13.89
N GLU C 93 -29.02 -0.35 -12.72
CA GLU C 93 -28.46 0.19 -11.49
C GLU C 93 -26.94 0.31 -11.59
N GLU C 94 -26.28 -0.68 -12.18
CA GLU C 94 -24.83 -0.59 -12.38
C GLU C 94 -24.48 0.57 -13.29
N LEU C 95 -25.32 0.86 -14.29
CA LEU C 95 -25.00 1.91 -15.24
C LEU C 95 -25.14 3.30 -14.63
N VAL C 96 -26.04 3.46 -13.65
CA VAL C 96 -26.26 4.77 -13.04
C VAL C 96 -25.34 5.00 -11.84
N LYS C 97 -25.22 4.00 -10.95
CA LYS C 97 -24.48 4.17 -9.72
C LYS C 97 -22.98 3.96 -9.87
N ASN C 98 -22.56 3.10 -10.80
CA ASN C 98 -21.14 2.82 -11.01
C ASN C 98 -20.59 3.61 -12.19
N LEU C 99 -21.20 3.46 -13.36
CA LEU C 99 -20.68 4.12 -14.57
C LEU C 99 -20.93 5.62 -14.51
N GLY C 100 -22.14 6.03 -14.13
CA GLY C 100 -22.46 7.44 -14.11
C GLY C 100 -21.68 8.23 -13.07
N THR C 101 -21.31 7.58 -11.97
CA THR C 101 -20.56 8.27 -10.92
C THR C 101 -19.19 8.70 -11.41
N ILE C 102 -18.56 7.89 -12.27
CA ILE C 102 -17.24 8.25 -12.78
C ILE C 102 -17.33 9.49 -13.66
N ALA C 103 -18.37 9.57 -14.50
CA ALA C 103 -18.55 10.76 -15.33
C ALA C 103 -18.90 11.98 -14.51
N LYS C 104 -19.63 11.80 -13.41
CA LYS C 104 -20.03 12.90 -12.54
C LYS C 104 -19.00 13.03 -11.42
N SER C 105 -17.88 13.68 -11.73
CA SER C 105 -16.81 13.91 -10.77
C SER C 105 -15.89 15.03 -11.24
N GLN C 122 -17.48 -0.38 -2.80
CA GLN C 122 -18.66 0.39 -3.16
C GLN C 122 -18.47 1.87 -2.85
N SER C 123 -17.21 2.31 -2.83
CA SER C 123 -16.88 3.70 -2.57
C SER C 123 -16.67 4.44 -3.88
N THR C 124 -16.95 5.74 -3.86
CA THR C 124 -16.84 6.56 -5.06
C THR C 124 -15.39 6.70 -5.52
N SER C 125 -14.44 6.64 -4.59
CA SER C 125 -13.04 6.78 -4.95
C SER C 125 -12.46 5.47 -5.48
N GLU C 126 -13.02 4.34 -5.08
CA GLU C 126 -12.51 3.05 -5.55
C GLU C 126 -12.88 2.80 -7.00
N LEU C 127 -14.09 3.22 -7.40
CA LEU C 127 -14.48 3.08 -8.81
C LEU C 127 -13.56 3.89 -9.72
N ILE C 128 -13.11 5.04 -9.24
CA ILE C 128 -12.19 5.86 -10.02
C ILE C 128 -10.86 5.14 -10.20
N GLY C 129 -10.31 4.60 -9.11
CA GLY C 129 -9.05 3.89 -9.17
C GLY C 129 -9.14 2.57 -9.92
N GLN C 130 -10.34 2.03 -10.10
CA GLN C 130 -10.51 0.79 -10.82
C GLN C 130 -10.75 0.99 -12.31
N PHE C 131 -11.50 2.03 -12.68
CA PHE C 131 -11.91 2.22 -14.06
C PHE C 131 -11.55 3.58 -14.63
N GLY C 132 -10.78 4.40 -13.90
CA GLY C 132 -10.51 5.75 -14.36
C GLY C 132 -9.60 5.79 -15.58
N VAL C 133 -8.61 4.90 -15.64
CA VAL C 133 -7.71 4.85 -16.79
C VAL C 133 -8.50 4.56 -18.07
N GLY C 134 -9.36 3.54 -18.02
CA GLY C 134 -10.15 3.23 -19.20
C GLY C 134 -11.17 4.29 -19.54
N PHE C 135 -11.77 4.90 -18.51
CA PHE C 135 -12.81 5.90 -18.75
C PHE C 135 -12.22 7.18 -19.31
N TYR C 136 -11.15 7.70 -18.70
CA TYR C 136 -10.61 8.98 -19.10
C TYR C 136 -9.78 8.89 -20.38
N SER C 137 -9.09 7.78 -20.60
CA SER C 137 -8.36 7.61 -21.85
C SER C 137 -9.31 7.46 -23.04
N ALA C 138 -10.52 6.94 -22.78
CA ALA C 138 -11.51 6.85 -23.84
C ALA C 138 -11.95 8.22 -24.30
N PHE C 139 -12.19 9.15 -23.37
CA PHE C 139 -12.59 10.49 -23.72
C PHE C 139 -11.41 11.37 -24.14
N LEU C 140 -10.18 10.84 -24.06
CA LEU C 140 -9.06 11.53 -24.70
C LEU C 140 -9.19 11.49 -26.22
N VAL C 141 -9.83 10.45 -26.75
CA VAL C 141 -9.99 10.29 -28.19
C VAL C 141 -11.44 10.36 -28.64
N ALA C 142 -12.40 10.36 -27.72
CA ALA C 142 -13.82 10.37 -28.06
C ALA C 142 -14.49 11.59 -27.45
N ASP C 143 -15.31 12.27 -28.27
CA ASP C 143 -16.12 13.36 -27.75
C ASP C 143 -17.36 12.84 -27.03
N LYS C 144 -17.79 11.63 -27.35
CA LYS C 144 -18.99 11.04 -26.77
C LYS C 144 -18.79 9.54 -26.67
N VAL C 145 -19.53 8.91 -25.76
CA VAL C 145 -19.46 7.47 -25.54
C VAL C 145 -20.88 6.96 -25.32
N ILE C 146 -21.28 5.98 -26.13
CA ILE C 146 -22.59 5.35 -26.02
C ILE C 146 -22.38 3.91 -25.59
N VAL C 147 -23.02 3.51 -24.50
CA VAL C 147 -22.85 2.19 -23.91
C VAL C 147 -24.18 1.46 -23.93
N THR C 148 -24.24 0.34 -24.63
CA THR C 148 -25.40 -0.53 -24.67
C THR C 148 -25.06 -1.81 -23.92
N SER C 149 -25.78 -2.09 -22.84
CA SER C 149 -25.49 -3.24 -22.00
C SER C 149 -26.77 -3.99 -21.67
N LYS C 150 -26.65 -5.31 -21.57
CA LYS C 150 -27.76 -6.20 -21.22
C LYS C 150 -27.27 -7.20 -20.21
N HIS C 151 -27.74 -7.09 -18.98
CA HIS C 151 -27.43 -8.05 -17.93
C HIS C 151 -28.52 -9.12 -17.86
N ASN C 152 -28.16 -10.27 -17.29
CA ASN C 152 -29.12 -11.35 -17.14
C ASN C 152 -30.26 -10.98 -16.18
N ASN C 153 -30.03 -10.04 -15.27
CA ASN C 153 -31.02 -9.64 -14.28
C ASN C 153 -31.61 -8.27 -14.59
N ASP C 154 -31.64 -7.88 -15.85
CA ASP C 154 -32.17 -6.58 -16.25
C ASP C 154 -32.44 -6.61 -17.74
N THR C 155 -33.14 -5.58 -18.21
CA THR C 155 -33.37 -5.40 -19.64
C THR C 155 -32.25 -4.56 -20.23
N GLN C 156 -32.10 -4.67 -21.55
CA GLN C 156 -31.05 -3.92 -22.25
C GLN C 156 -31.26 -2.42 -22.06
N HIS C 157 -30.16 -1.71 -21.80
CA HIS C 157 -30.20 -0.27 -21.57
C HIS C 157 -29.12 0.41 -22.40
N ILE C 158 -29.29 1.70 -22.62
CA ILE C 158 -28.35 2.52 -23.37
C ILE C 158 -27.91 3.67 -22.47
N TRP C 159 -26.60 3.94 -22.48
CA TRP C 159 -25.97 4.92 -21.60
C TRP C 159 -25.05 5.80 -22.44
N GLU C 160 -25.20 7.11 -22.33
CA GLU C 160 -24.34 8.02 -23.09
C GLU C 160 -23.85 9.15 -22.18
N SER C 161 -22.68 9.67 -22.51
CA SER C 161 -22.08 10.75 -21.76
C SER C 161 -21.04 11.44 -22.62
N ASP C 162 -20.80 12.73 -22.31
CA ASP C 162 -19.71 13.49 -22.91
C ASP C 162 -18.57 13.69 -21.93
N SER C 163 -18.44 12.80 -20.94
CA SER C 163 -17.51 12.80 -19.82
C SER C 163 -17.93 13.81 -18.74
N ASN C 164 -18.96 14.63 -18.97
CA ASN C 164 -19.42 15.59 -17.98
C ASN C 164 -20.78 15.18 -17.39
N GLU C 165 -21.82 15.14 -18.20
CA GLU C 165 -23.12 14.64 -17.80
C GLU C 165 -23.37 13.29 -18.45
N PHE C 166 -24.46 12.63 -18.02
CA PHE C 166 -24.75 11.29 -18.51
C PHE C 166 -26.25 11.04 -18.45
N SER C 167 -26.70 10.10 -19.29
CA SER C 167 -28.11 9.75 -19.39
C SER C 167 -28.23 8.28 -19.73
N VAL C 168 -29.19 7.61 -19.10
CA VAL C 168 -29.44 6.19 -19.34
C VAL C 168 -30.92 5.98 -19.57
N ILE C 169 -31.25 5.06 -20.49
CA ILE C 169 -32.63 4.73 -20.80
C ILE C 169 -32.68 3.27 -21.23
N ALA C 170 -33.89 2.71 -21.21
CA ALA C 170 -34.11 1.35 -21.69
C ALA C 170 -34.04 1.32 -23.21
N ASP C 171 -33.54 0.21 -23.73
CA ASP C 171 -33.38 0.07 -25.17
C ASP C 171 -34.74 -0.12 -25.83
N PRO C 172 -35.15 0.76 -26.74
CA PRO C 172 -36.42 0.54 -27.44
C PRO C 172 -36.42 -0.69 -28.33
N ARG C 173 -35.24 -1.09 -28.83
CA ARG C 173 -35.14 -2.28 -29.66
C ARG C 173 -35.27 -3.58 -28.88
N GLY C 174 -35.27 -3.52 -27.55
CA GLY C 174 -35.32 -4.72 -26.75
C GLY C 174 -33.96 -5.35 -26.53
N ASN C 175 -33.92 -6.66 -26.35
CA ASN C 175 -32.68 -7.38 -26.08
C ASN C 175 -31.98 -7.68 -27.41
N THR C 176 -31.22 -6.69 -27.88
CA THR C 176 -30.44 -6.86 -29.09
C THR C 176 -29.18 -7.68 -28.84
N LEU C 177 -28.53 -7.47 -27.69
CA LEU C 177 -27.26 -8.11 -27.39
C LEU C 177 -27.39 -9.54 -26.92
N GLY C 178 -28.55 -9.94 -26.39
CA GLY C 178 -28.67 -11.23 -25.73
C GLY C 178 -28.09 -11.17 -24.33
N ARG C 179 -26.79 -10.91 -24.25
CA ARG C 179 -26.12 -10.66 -22.99
C ARG C 179 -24.74 -10.06 -23.29
N GLY C 180 -24.39 -9.00 -22.58
CA GLY C 180 -23.10 -8.38 -22.77
C GLY C 180 -23.22 -6.89 -22.92
N THR C 181 -22.19 -6.28 -23.50
CA THR C 181 -22.12 -4.83 -23.57
C THR C 181 -21.46 -4.41 -24.88
N THR C 182 -21.96 -3.34 -25.48
CA THR C 182 -21.33 -2.69 -26.61
C THR C 182 -20.88 -1.30 -26.18
N ILE C 183 -19.61 -0.98 -26.36
CA ILE C 183 -19.09 0.36 -26.13
C ILE C 183 -18.90 1.02 -27.48
N THR C 184 -19.58 2.14 -27.69
CA THR C 184 -19.49 2.91 -28.92
C THR C 184 -18.79 4.22 -28.62
N LEU C 185 -17.67 4.45 -29.29
CA LEU C 185 -16.89 5.69 -29.13
C LEU C 185 -17.09 6.55 -30.36
N VAL C 186 -17.66 7.75 -30.15
CA VAL C 186 -17.79 8.74 -31.22
C VAL C 186 -16.46 9.50 -31.28
N LEU C 187 -15.58 9.09 -32.18
CA LEU C 187 -14.22 9.60 -32.20
C LEU C 187 -14.16 11.08 -32.50
N LYS C 188 -13.11 11.73 -32.02
CA LYS C 188 -12.84 13.11 -32.37
C LYS C 188 -12.44 13.20 -33.85
N GLU C 189 -12.47 14.43 -34.38
CA GLU C 189 -12.03 14.65 -35.75
C GLU C 189 -10.52 14.47 -35.88
N GLU C 190 -9.76 14.84 -34.85
CA GLU C 190 -8.31 14.65 -34.87
C GLU C 190 -7.91 13.20 -34.63
N ALA C 191 -8.86 12.34 -34.26
CA ALA C 191 -8.58 10.93 -34.01
C ALA C 191 -9.14 10.02 -35.11
N SER C 192 -9.36 10.57 -36.31
CA SER C 192 -9.91 9.80 -37.42
C SER C 192 -8.98 8.69 -37.87
N ASP C 193 -7.71 8.71 -37.45
CA ASP C 193 -6.77 7.66 -37.84
C ASP C 193 -7.12 6.30 -37.25
N TYR C 194 -8.04 6.24 -36.30
CA TYR C 194 -8.40 4.98 -35.65
C TYR C 194 -9.55 4.26 -36.35
N LEU C 195 -10.08 4.83 -37.43
CA LEU C 195 -11.09 4.14 -38.21
C LEU C 195 -10.49 3.29 -39.31
N GLU C 196 -9.20 3.50 -39.62
CA GLU C 196 -8.53 2.71 -40.64
C GLU C 196 -8.39 1.27 -40.16
N LEU C 197 -8.76 0.32 -41.02
CA LEU C 197 -8.75 -1.09 -40.64
C LEU C 197 -7.33 -1.55 -40.29
N ASP C 198 -6.33 -1.09 -41.05
CA ASP C 198 -4.96 -1.54 -40.83
C ASP C 198 -4.46 -1.15 -39.45
N THR C 199 -4.78 0.06 -39.00
CA THR C 199 -4.31 0.50 -37.68
C THR C 199 -5.00 -0.26 -36.57
N ILE C 200 -6.33 -0.41 -36.65
CA ILE C 200 -7.06 -1.17 -35.64
C ILE C 200 -6.56 -2.61 -35.58
N LYS C 201 -6.25 -3.20 -36.74
CA LYS C 201 -5.77 -4.57 -36.76
C LYS C 201 -4.46 -4.72 -36.00
N ASN C 202 -3.51 -3.81 -36.24
CA ASN C 202 -2.22 -3.91 -35.56
C ASN C 202 -2.37 -3.74 -34.05
N LEU C 203 -3.22 -2.80 -33.63
CA LEU C 203 -3.40 -2.56 -32.20
C LEU C 203 -4.00 -3.77 -31.50
N VAL C 204 -5.10 -4.32 -32.05
CA VAL C 204 -5.78 -5.44 -31.41
C VAL C 204 -4.87 -6.66 -31.36
N LYS C 205 -4.12 -6.93 -32.43
CA LYS C 205 -3.19 -8.05 -32.42
C LYS C 205 -2.13 -7.86 -31.34
N LYS C 206 -1.69 -6.62 -31.13
CA LYS C 206 -0.75 -6.35 -30.04
C LYS C 206 -1.43 -6.48 -28.68
N TYR C 207 -2.61 -5.88 -28.53
CA TYR C 207 -3.31 -5.87 -27.25
C TYR C 207 -4.05 -7.18 -26.97
N SER C 208 -3.79 -8.23 -27.73
CA SER C 208 -4.40 -9.53 -27.49
C SER C 208 -3.47 -10.53 -26.83
N GLN C 209 -2.26 -10.10 -26.44
CA GLN C 209 -1.25 -11.02 -25.93
C GLN C 209 -1.68 -11.64 -24.60
N PHE C 210 -2.37 -10.87 -23.77
CA PHE C 210 -2.70 -11.30 -22.41
C PHE C 210 -4.16 -11.68 -22.23
N ILE C 211 -5.01 -11.51 -23.24
CA ILE C 211 -6.44 -11.78 -23.12
C ILE C 211 -6.68 -13.26 -23.37
N ASN C 212 -7.47 -13.89 -22.49
CA ASN C 212 -7.77 -15.31 -22.57
C ASN C 212 -8.94 -15.64 -23.49
N PHE C 213 -9.58 -14.64 -24.07
CA PHE C 213 -10.76 -14.83 -24.91
C PHE C 213 -10.46 -14.40 -26.34
N PRO C 214 -11.20 -14.92 -27.31
CA PRO C 214 -10.96 -14.52 -28.71
C PRO C 214 -11.47 -13.11 -28.97
N ILE C 215 -10.66 -12.34 -29.71
CA ILE C 215 -11.02 -10.98 -30.10
C ILE C 215 -11.06 -10.93 -31.61
N TYR C 216 -12.21 -10.52 -32.15
CA TYR C 216 -12.42 -10.42 -33.59
C TYR C 216 -12.45 -8.95 -34.01
N VAL C 217 -12.01 -8.70 -35.24
CA VAL C 217 -12.11 -7.39 -35.87
C VAL C 217 -12.90 -7.53 -37.16
N TRP C 218 -13.95 -6.74 -37.30
CA TRP C 218 -14.73 -6.71 -38.53
C TRP C 218 -13.85 -6.27 -39.69
N SER C 219 -13.38 -7.21 -40.49
CA SER C 219 -12.43 -6.94 -41.57
C SER C 219 -12.99 -7.41 -42.91
N SER C 220 -12.33 -6.95 -43.98
CA SER C 220 -12.66 -7.34 -45.33
C SER C 220 -11.69 -8.43 -45.78
N LYS C 221 -12.21 -9.62 -46.03
CA LYS C 221 -11.38 -10.76 -46.37
C LYS C 221 -10.88 -10.63 -47.82
N THR C 222 -9.68 -11.15 -48.05
CA THR C 222 -8.95 -10.97 -49.30
C THR C 222 -9.69 -11.57 -50.50
N GLY C 223 -11.02 -11.43 -50.53
CA GLY C 223 -11.84 -12.12 -51.51
C GLY C 223 -12.71 -13.16 -50.83
N GLY C 224 -13.96 -13.28 -51.27
CA GLY C 224 -14.90 -14.18 -50.64
C GLY C 224 -15.76 -14.97 -51.62
N GLY C 225 -15.12 -15.82 -52.40
CA GLY C 225 -15.83 -16.55 -53.44
C GLY C 225 -16.36 -15.66 -54.54
N GLY C 226 -15.67 -14.57 -54.83
CA GLY C 226 -16.12 -13.62 -55.84
C GLY C 226 -15.52 -12.25 -55.67
N LYS C 227 -16.13 -11.43 -54.81
CA LYS C 227 -15.64 -10.08 -54.57
C LYS C 227 -15.20 -9.88 -53.13
N THR C 228 -15.09 -8.63 -52.69
CA THR C 228 -14.65 -8.31 -51.35
C THR C 228 -15.83 -8.46 -50.38
N VAL C 229 -15.68 -9.35 -49.41
CA VAL C 229 -16.72 -9.58 -48.41
C VAL C 229 -16.17 -9.21 -47.04
N TRP C 230 -17.09 -8.94 -46.12
CA TRP C 230 -16.76 -8.53 -44.76
C TRP C 230 -17.20 -9.59 -43.76
N ASP C 231 -16.36 -9.82 -42.76
CA ASP C 231 -16.63 -10.84 -41.75
C ASP C 231 -15.71 -10.61 -40.57
N TRP C 232 -15.96 -11.37 -39.50
CA TRP C 232 -15.12 -11.30 -38.31
C TRP C 232 -13.81 -12.04 -38.53
N GLU C 233 -12.70 -11.38 -38.26
CA GLU C 233 -11.37 -11.98 -38.37
C GLU C 233 -10.79 -12.14 -36.97
N LEU C 234 -10.46 -13.37 -36.60
CA LEU C 234 -9.88 -13.63 -35.29
C LEU C 234 -8.49 -13.02 -35.20
N MET C 235 -8.21 -12.34 -34.09
CA MET C 235 -6.93 -11.66 -33.90
C MET C 235 -5.96 -12.43 -33.02
N ASN C 236 -6.45 -13.37 -32.23
CA ASN C 236 -5.58 -14.19 -31.39
C ASN C 236 -6.02 -15.65 -31.45
N PHE D 12 -13.14 4.16 27.26
CA PHE D 12 -13.91 4.11 26.03
C PHE D 12 -13.83 2.72 25.40
N ALA D 13 -14.65 2.48 24.38
CA ALA D 13 -14.67 1.18 23.72
C ALA D 13 -13.44 0.98 22.85
N PHE D 14 -12.97 2.04 22.20
CA PHE D 14 -11.77 1.93 21.37
C PHE D 14 -10.56 1.53 22.19
N GLN D 15 -10.42 2.09 23.39
CA GLN D 15 -9.28 1.76 24.24
C GLN D 15 -9.32 0.29 24.66
N ALA D 16 -10.50 -0.21 25.03
CA ALA D 16 -10.61 -1.59 25.50
C ALA D 16 -10.34 -2.58 24.37
N GLU D 17 -10.86 -2.31 23.18
CA GLU D 17 -10.66 -3.23 22.06
C GLU D 17 -9.21 -3.24 21.60
N VAL D 18 -8.56 -2.08 21.58
CA VAL D 18 -7.15 -2.04 21.18
C VAL D 18 -6.30 -2.81 22.18
N ASN D 19 -6.57 -2.63 23.48
CA ASN D 19 -5.83 -3.37 24.50
C ASN D 19 -6.05 -4.87 24.38
N ARG D 20 -7.30 -5.28 24.09
CA ARG D 20 -7.60 -6.71 23.94
C ARG D 20 -6.86 -7.30 22.75
N MET D 21 -6.97 -6.64 21.58
CA MET D 21 -6.32 -7.15 20.40
C MET D 21 -4.80 -7.09 20.51
N MET D 22 -4.27 -6.11 21.24
CA MET D 22 -2.83 -6.08 21.49
C MET D 22 -2.38 -7.34 22.20
N LYS D 23 -2.96 -7.60 23.37
CA LYS D 23 -2.57 -8.78 24.15
C LYS D 23 -2.78 -10.06 23.36
N LEU D 24 -3.82 -10.10 22.51
CA LEU D 24 -4.07 -11.29 21.71
C LEU D 24 -2.96 -11.51 20.69
N ILE D 25 -2.54 -10.45 20.00
CA ILE D 25 -1.55 -10.61 18.93
C ILE D 25 -0.16 -10.83 19.51
N ILE D 26 0.19 -10.10 20.58
CA ILE D 26 1.51 -10.26 21.19
C ILE D 26 1.67 -11.67 21.74
N ASN D 27 0.66 -12.16 22.44
CA ASN D 27 0.73 -13.52 22.98
C ASN D 27 0.83 -14.57 21.89
N SER D 28 0.20 -14.33 20.74
CA SER D 28 0.18 -15.33 19.68
C SER D 28 1.49 -15.37 18.90
N LEU D 29 2.17 -14.24 18.77
CA LEU D 29 3.31 -14.14 17.87
C LEU D 29 4.65 -13.96 18.57
N TYR D 30 4.67 -13.47 19.81
CA TYR D 30 5.91 -13.20 20.52
C TYR D 30 6.08 -14.14 21.70
N LYS D 31 7.29 -14.64 21.88
CA LYS D 31 7.62 -15.43 23.06
C LYS D 31 7.82 -14.54 24.28
N ASN D 32 8.51 -13.42 24.10
CA ASN D 32 8.68 -12.43 25.16
C ASN D 32 7.65 -11.33 24.93
N LYS D 33 6.60 -11.33 25.74
CA LYS D 33 5.44 -10.47 25.49
C LYS D 33 5.69 -9.01 25.87
N GLU D 34 6.94 -8.67 26.18
CA GLU D 34 7.29 -7.33 26.66
C GLU D 34 7.65 -6.41 25.49
N ILE D 35 6.69 -6.24 24.58
CA ILE D 35 6.93 -5.43 23.39
C ILE D 35 7.13 -3.96 23.76
N PHE D 36 6.55 -3.51 24.88
CA PHE D 36 6.64 -2.10 25.25
C PHE D 36 8.09 -1.67 25.47
N LEU D 37 8.89 -2.51 26.12
CA LEU D 37 10.28 -2.16 26.36
C LEU D 37 11.10 -2.22 25.08
N ARG D 38 10.77 -3.16 24.20
CA ARG D 38 11.42 -3.20 22.88
C ARG D 38 11.15 -1.91 22.11
N GLU D 39 9.95 -1.36 22.24
CA GLU D 39 9.60 -0.14 21.50
C GLU D 39 10.21 1.10 22.14
N LEU D 40 10.24 1.17 23.47
CA LEU D 40 10.91 2.27 24.15
C LEU D 40 12.38 2.33 23.76
N ILE D 41 13.00 1.17 23.59
CA ILE D 41 14.41 1.11 23.23
C ILE D 41 14.61 1.50 21.76
N SER D 42 13.71 1.05 20.88
CA SER D 42 13.84 1.37 19.47
C SER D 42 13.59 2.85 19.20
N ASN D 43 12.58 3.42 19.86
CA ASN D 43 12.30 4.84 19.68
C ASN D 43 13.38 5.71 20.30
N ALA D 44 14.00 5.24 21.38
CA ALA D 44 15.14 5.97 21.94
C ALA D 44 16.32 5.94 20.98
N SER D 45 16.50 4.84 20.26
CA SER D 45 17.59 4.75 19.28
C SER D 45 17.36 5.68 18.10
N ASP D 46 16.10 5.83 17.69
CA ASP D 46 15.78 6.76 16.61
C ASP D 46 16.05 8.20 17.03
N ALA D 47 15.75 8.53 18.29
CA ALA D 47 16.01 9.88 18.79
C ALA D 47 17.52 10.16 18.83
N LEU D 48 18.30 9.19 19.29
CA LEU D 48 19.75 9.33 19.25
C LEU D 48 20.26 9.44 17.82
N ASP D 49 19.70 8.65 16.91
CA ASP D 49 20.08 8.71 15.51
C ASP D 49 19.82 10.10 14.92
N LYS D 50 18.67 10.69 15.24
CA LYS D 50 18.31 11.97 14.64
C LYS D 50 19.26 13.09 15.08
N ILE D 51 19.60 13.12 16.37
CA ILE D 51 20.46 14.19 16.86
C ILE D 51 21.90 13.99 16.38
N ARG D 52 22.33 12.74 16.20
CA ARG D 52 23.66 12.51 15.66
C ARG D 52 23.75 12.91 14.20
N LEU D 53 22.69 12.63 13.42
CA LEU D 53 22.66 13.05 12.03
C LEU D 53 22.58 14.57 11.92
N ILE D 54 21.86 15.21 12.84
CA ILE D 54 21.85 16.67 12.89
C ILE D 54 23.24 17.19 13.21
N SER D 55 23.97 16.49 14.09
CA SER D 55 25.32 16.90 14.44
C SER D 55 26.30 16.77 13.28
N LEU D 56 25.96 15.97 12.26
CA LEU D 56 26.83 15.84 11.09
C LEU D 56 26.90 17.13 10.28
N THR D 57 25.90 17.99 10.39
CA THR D 57 25.88 19.27 9.70
C THR D 57 25.85 20.47 10.63
N ASP D 58 25.28 20.34 11.83
CA ASP D 58 25.25 21.40 12.82
C ASP D 58 26.38 21.12 13.81
N GLU D 59 27.44 21.94 13.76
CA GLU D 59 28.60 21.72 14.60
C GLU D 59 28.26 21.87 16.08
N ASN D 60 27.47 22.89 16.41
CA ASN D 60 27.11 23.17 17.80
C ASN D 60 25.69 22.68 18.10
N ALA D 61 25.49 21.37 17.92
CA ALA D 61 24.20 20.74 18.14
C ALA D 61 24.17 19.81 19.35
N LEU D 62 25.30 19.20 19.70
CA LEU D 62 25.41 18.32 20.85
C LEU D 62 25.94 19.04 22.08
N ALA D 63 25.89 20.37 22.09
CA ALA D 63 26.50 21.13 23.19
C ALA D 63 25.82 20.84 24.52
N GLY D 64 24.49 20.78 24.52
CA GLY D 64 23.75 20.54 25.75
C GLY D 64 23.92 19.15 26.34
N ASN D 65 24.47 18.21 25.57
CA ASN D 65 24.67 16.84 26.02
C ASN D 65 25.51 16.09 25.00
N GLU D 66 26.78 15.84 25.31
CA GLU D 66 27.70 15.26 24.34
C GLU D 66 27.57 13.73 24.23
N GLU D 67 26.98 13.08 25.23
CA GLU D 67 26.85 11.62 25.20
C GLU D 67 25.57 11.22 24.49
N LEU D 68 25.63 10.07 23.82
CA LEU D 68 24.50 9.50 23.07
C LEU D 68 24.23 8.11 23.65
N THR D 69 23.37 8.05 24.66
CA THR D 69 23.13 6.83 25.40
C THR D 69 21.64 6.62 25.63
N VAL D 70 21.30 5.40 26.03
CA VAL D 70 19.99 5.06 26.55
C VAL D 70 20.20 4.45 27.93
N LYS D 71 19.59 5.05 28.95
CA LYS D 71 19.81 4.64 30.34
C LYS D 71 18.48 4.23 30.95
N ILE D 72 18.42 2.99 31.41
CA ILE D 72 17.20 2.39 31.95
C ILE D 72 17.37 2.21 33.45
N LYS D 73 16.37 2.63 34.22
CA LYS D 73 16.43 2.59 35.67
C LYS D 73 15.13 2.06 36.23
N CYS D 74 15.22 1.20 37.24
CA CYS D 74 14.06 0.65 37.92
C CYS D 74 13.91 1.29 39.30
N ASP D 75 12.68 1.51 39.71
CA ASP D 75 12.35 2.01 41.04
C ASP D 75 11.34 1.02 41.64
N LYS D 76 11.87 -0.04 42.27
CA LYS D 76 11.00 -1.04 42.88
C LYS D 76 10.16 -0.44 43.99
N GLU D 77 10.69 0.55 44.70
CA GLU D 77 9.96 1.22 45.77
C GLU D 77 8.73 1.93 45.22
N LYS D 78 8.95 2.96 44.41
CA LYS D 78 7.86 3.77 43.88
C LYS D 78 7.11 3.09 42.73
N ASN D 79 7.52 1.88 42.34
CA ASN D 79 6.89 1.15 41.25
C ASN D 79 6.94 2.01 39.99
N LEU D 80 8.11 2.04 39.35
CA LEU D 80 8.38 2.94 38.23
C LEU D 80 9.47 2.36 37.35
N LEU D 81 9.32 2.54 36.04
CA LEU D 81 10.35 2.19 35.06
C LEU D 81 10.75 3.44 34.29
N HIS D 82 12.04 3.72 34.26
CA HIS D 82 12.57 4.91 33.60
C HIS D 82 13.41 4.49 32.39
N VAL D 83 13.08 5.04 31.23
CA VAL D 83 13.89 4.89 30.02
C VAL D 83 14.29 6.28 29.58
N THR D 84 15.59 6.58 29.66
CA THR D 84 16.11 7.92 29.43
C THR D 84 17.13 7.87 28.31
N ASP D 85 16.90 8.68 27.27
CA ASP D 85 17.83 8.84 26.17
C ASP D 85 18.27 10.29 26.08
N THR D 86 19.47 10.50 25.54
CA THR D 86 19.97 11.85 25.26
C THR D 86 19.81 12.19 23.78
N GLY D 87 18.63 11.89 23.24
CA GLY D 87 18.36 12.05 21.83
C GLY D 87 17.93 13.45 21.44
N VAL D 88 17.18 13.53 20.35
CA VAL D 88 16.75 14.83 19.83
C VAL D 88 15.81 15.54 20.79
N GLY D 89 15.14 14.81 21.68
CA GLY D 89 14.15 15.40 22.55
C GLY D 89 12.87 15.74 21.80
N MET D 90 11.92 16.31 22.55
CA MET D 90 10.64 16.72 21.98
C MET D 90 10.29 18.11 22.50
N THR D 91 9.92 19.00 21.58
CA THR D 91 9.41 20.30 21.97
C THR D 91 7.99 20.16 22.52
N ARG D 92 7.49 21.26 23.11
CA ARG D 92 6.14 21.25 23.65
C ARG D 92 5.10 21.04 22.55
N GLU D 93 5.39 21.52 21.34
CA GLU D 93 4.47 21.32 20.22
C GLU D 93 4.35 19.84 19.87
N GLU D 94 5.46 19.11 19.83
CA GLU D 94 5.41 17.68 19.58
C GLU D 94 4.68 16.95 20.70
N LEU D 95 4.87 17.40 21.94
CA LEU D 95 4.17 16.81 23.08
C LEU D 95 2.66 16.99 22.97
N VAL D 96 2.21 18.12 22.43
CA VAL D 96 0.79 18.43 22.38
C VAL D 96 0.14 17.91 21.11
N LYS D 97 0.78 18.17 19.96
CA LYS D 97 0.16 17.81 18.68
C LYS D 97 0.37 16.35 18.33
N ASN D 98 1.61 15.85 18.47
CA ASN D 98 1.89 14.47 18.10
C ASN D 98 1.47 13.49 19.21
N LEU D 99 2.01 13.68 20.41
CA LEU D 99 1.77 12.73 21.48
C LEU D 99 0.37 12.85 22.05
N GLY D 100 -0.11 14.08 22.25
CA GLY D 100 -1.45 14.28 22.80
C GLY D 100 -2.56 13.79 21.89
N THR D 101 -2.31 13.79 20.58
CA THR D 101 -3.33 13.30 19.65
C THR D 101 -3.51 11.79 19.78
N ILE D 102 -2.41 11.05 19.96
CA ILE D 102 -2.52 9.61 20.13
C ILE D 102 -3.22 9.29 21.45
N ALA D 103 -2.93 10.07 22.50
CA ALA D 103 -3.57 9.83 23.79
C ALA D 103 -5.06 10.14 23.76
N LYS D 104 -5.49 11.06 22.90
CA LYS D 104 -6.91 11.39 22.73
C LYS D 104 -7.43 10.62 21.53
N SER D 105 -8.06 9.46 21.80
CA SER D 105 -8.56 8.61 20.74
C SER D 105 -10.06 8.33 20.86
N GLY D 106 -10.76 9.03 21.75
CA GLY D 106 -12.18 8.84 21.90
C GLY D 106 -13.00 9.76 21.01
N THR D 107 -12.35 10.31 19.98
CA THR D 107 -12.99 11.19 19.02
C THR D 107 -13.06 10.47 17.68
N SER D 108 -14.26 10.36 17.12
CA SER D 108 -14.44 9.66 15.86
C SER D 108 -13.71 10.38 14.73
N GLU D 109 -13.16 9.60 13.81
CA GLU D 109 -12.43 10.15 12.67
C GLU D 109 -13.39 10.73 11.62
N GLN D 122 1.03 14.90 12.49
CA GLN D 122 0.27 15.09 11.24
C GLN D 122 -1.18 14.68 11.43
N SER D 123 -1.57 13.56 10.83
CA SER D 123 -2.91 13.04 10.96
C SER D 123 -2.96 12.03 12.12
N THR D 124 -4.14 11.95 12.75
CA THR D 124 -4.31 11.02 13.86
C THR D 124 -4.06 9.58 13.43
N SER D 125 -4.50 9.22 12.22
CA SER D 125 -4.21 7.89 11.70
C SER D 125 -2.73 7.74 11.35
N GLU D 126 -2.09 8.82 10.91
CA GLU D 126 -0.67 8.76 10.59
C GLU D 126 0.18 8.59 11.84
N LEU D 127 -0.23 9.21 12.95
CA LEU D 127 0.48 9.04 14.21
C LEU D 127 0.31 7.63 14.76
N ILE D 128 -0.88 7.05 14.57
CA ILE D 128 -1.12 5.68 15.01
C ILE D 128 -0.21 4.71 14.26
N GLY D 129 -0.09 4.90 12.94
CA GLY D 129 0.76 4.04 12.14
C GLY D 129 2.23 4.18 12.43
N GLN D 130 2.64 5.28 13.06
CA GLN D 130 4.04 5.53 13.35
C GLN D 130 4.43 5.15 14.78
N PHE D 131 3.59 5.48 15.76
CA PHE D 131 3.93 5.27 17.16
C PHE D 131 2.87 4.49 17.93
N GLY D 132 1.86 3.94 17.25
CA GLY D 132 0.78 3.27 17.95
C GLY D 132 1.24 2.00 18.66
N VAL D 133 2.17 1.27 18.06
CA VAL D 133 2.63 0.02 18.67
C VAL D 133 3.33 0.28 19.98
N GLY D 134 4.19 1.29 20.04
CA GLY D 134 4.91 1.57 21.28
C GLY D 134 4.04 2.24 22.33
N PHE D 135 3.12 3.10 21.90
CA PHE D 135 2.28 3.84 22.84
C PHE D 135 1.30 2.92 23.54
N TYR D 136 0.53 2.13 22.77
CA TYR D 136 -0.51 1.31 23.37
C TYR D 136 0.06 0.11 24.13
N SER D 137 1.18 -0.44 23.67
CA SER D 137 1.81 -1.53 24.39
C SER D 137 2.41 -1.06 25.72
N ALA D 138 2.81 0.21 25.79
CA ALA D 138 3.27 0.76 27.06
C ALA D 138 2.14 0.82 28.07
N PHE D 139 0.95 1.21 27.63
CA PHE D 139 -0.22 1.26 28.51
C PHE D 139 -0.85 -0.09 28.76
N LEU D 140 -0.29 -1.16 28.17
CA LEU D 140 -0.72 -2.51 28.55
C LEU D 140 -0.18 -2.89 29.93
N VAL D 141 0.98 -2.35 30.30
CA VAL D 141 1.64 -2.67 31.55
C VAL D 141 1.75 -1.47 32.47
N ALA D 142 1.33 -0.28 32.03
CA ALA D 142 1.45 0.93 32.83
C ALA D 142 0.08 1.59 32.96
N ASP D 143 -0.21 2.08 34.17
CA ASP D 143 -1.43 2.83 34.43
C ASP D 143 -1.30 4.30 34.07
N LYS D 144 -0.09 4.82 34.00
CA LYS D 144 0.17 6.21 33.64
C LYS D 144 1.57 6.28 33.06
N VAL D 145 1.75 7.20 32.09
CA VAL D 145 3.04 7.43 31.46
C VAL D 145 3.40 8.90 31.65
N ILE D 146 4.62 9.16 32.10
CA ILE D 146 5.13 10.50 32.30
C ILE D 146 6.32 10.71 31.39
N VAL D 147 6.27 11.76 30.57
CA VAL D 147 7.31 12.05 29.58
C VAL D 147 7.97 13.36 29.96
N THR D 148 9.29 13.32 30.14
CA THR D 148 10.10 14.49 30.44
C THR D 148 11.08 14.67 29.28
N SER D 149 10.93 15.75 28.53
CA SER D 149 11.72 15.95 27.33
C SER D 149 12.22 17.38 27.25
N LYS D 150 13.43 17.55 26.72
CA LYS D 150 14.03 18.86 26.46
C LYS D 150 14.60 18.84 25.06
N HIS D 151 13.99 19.63 24.16
CA HIS D 151 14.48 19.78 22.81
C HIS D 151 15.39 20.99 22.71
N ASN D 152 16.31 20.97 21.73
CA ASN D 152 17.25 22.07 21.58
C ASN D 152 16.57 23.37 21.19
N ASN D 153 15.35 23.32 20.68
CA ASN D 153 14.62 24.51 20.24
C ASN D 153 13.42 24.81 21.13
N ASP D 154 13.49 24.42 22.40
CA ASP D 154 12.40 24.64 23.34
C ASP D 154 12.95 24.47 24.75
N THR D 155 12.10 24.77 25.72
CA THR D 155 12.44 24.53 27.12
C THR D 155 11.92 23.17 27.57
N GLN D 156 12.54 22.65 28.62
CA GLN D 156 12.21 21.33 29.13
C GLN D 156 10.78 21.31 29.67
N HIS D 157 10.02 20.29 29.28
CA HIS D 157 8.62 20.14 29.67
C HIS D 157 8.39 18.77 30.26
N ILE D 158 7.30 18.65 31.03
CA ILE D 158 6.85 17.37 31.57
C ILE D 158 5.48 17.06 31.02
N TRP D 159 5.27 15.82 30.61
CA TRP D 159 4.04 15.37 29.96
C TRP D 159 3.54 14.12 30.66
N GLU D 160 2.24 14.07 30.93
CA GLU D 160 1.63 12.94 31.63
C GLU D 160 0.30 12.60 30.99
N SER D 161 -0.07 11.32 31.06
CA SER D 161 -1.31 10.86 30.47
C SER D 161 -1.68 9.50 31.05
N ASP D 162 -2.99 9.28 31.22
CA ASP D 162 -3.55 8.00 31.63
C ASP D 162 -4.12 7.22 30.45
N SER D 163 -3.65 7.49 29.23
CA SER D 163 -4.09 6.95 27.96
C SER D 163 -5.43 7.53 27.51
N ASN D 164 -6.12 8.30 28.36
CA ASN D 164 -7.36 8.96 27.99
C ASN D 164 -7.17 10.46 27.80
N GLU D 165 -6.85 11.18 28.86
CA GLU D 165 -6.51 12.59 28.78
C GLU D 165 -4.99 12.76 28.90
N PHE D 166 -4.55 14.01 28.74
CA PHE D 166 -3.12 14.32 28.84
C PHE D 166 -2.96 15.78 29.22
N SER D 167 -1.85 16.06 29.89
CA SER D 167 -1.49 17.43 30.27
C SER D 167 0.01 17.59 30.16
N VAL D 168 0.44 18.83 29.92
CA VAL D 168 1.85 19.15 29.76
C VAL D 168 2.12 20.52 30.37
N ILE D 169 3.24 20.63 31.09
CA ILE D 169 3.63 21.84 31.77
C ILE D 169 5.11 22.10 31.49
N ALA D 170 5.56 23.30 31.82
CA ALA D 170 6.98 23.60 31.83
C ALA D 170 7.60 23.08 33.12
N ASP D 171 8.79 22.54 33.01
CA ASP D 171 9.45 21.93 34.16
C ASP D 171 9.94 23.00 35.13
N PRO D 172 9.47 22.99 36.39
CA PRO D 172 9.98 23.97 37.35
C PRO D 172 11.46 23.80 37.67
N ARG D 173 12.00 22.59 37.49
CA ARG D 173 13.43 22.37 37.71
C ARG D 173 14.30 22.90 36.58
N GLY D 174 13.70 23.31 35.46
CA GLY D 174 14.47 23.80 34.35
C GLY D 174 15.04 22.68 33.50
N ASN D 175 16.16 22.97 32.85
CA ASN D 175 16.80 22.04 31.92
C ASN D 175 17.67 21.06 32.72
N THR D 176 17.01 20.02 33.24
CA THR D 176 17.74 19.00 33.98
C THR D 176 18.36 17.95 33.05
N LEU D 177 17.72 17.64 31.93
CA LEU D 177 18.25 16.62 31.02
C LEU D 177 19.32 17.16 30.08
N GLY D 178 19.37 18.47 29.86
CA GLY D 178 20.26 19.02 28.85
C GLY D 178 19.69 18.81 27.46
N ARG D 179 19.48 17.54 27.11
CA ARG D 179 18.88 17.18 25.84
C ARG D 179 18.45 15.72 25.90
N GLY D 180 17.25 15.43 25.39
CA GLY D 180 16.78 14.07 25.30
C GLY D 180 15.40 13.93 25.88
N THR D 181 15.07 12.70 26.25
CA THR D 181 13.74 12.35 26.73
C THR D 181 13.85 11.33 27.85
N THR D 182 12.98 11.46 28.85
CA THR D 182 12.84 10.47 29.91
C THR D 182 11.38 10.04 29.95
N ILE D 183 11.11 8.78 29.64
CA ILE D 183 9.78 8.20 29.73
C ILE D 183 9.70 7.38 31.01
N THR D 184 8.69 7.66 31.82
CA THR D 184 8.48 6.97 33.09
C THR D 184 7.13 6.27 33.03
N LEU D 185 7.13 4.96 33.23
CA LEU D 185 5.91 4.17 33.24
C LEU D 185 5.54 3.86 34.70
N VAL D 186 4.40 4.38 35.14
CA VAL D 186 3.85 4.02 36.45
C VAL D 186 3.18 2.66 36.28
N LEU D 187 3.92 1.60 36.54
CA LEU D 187 3.49 0.24 36.21
C LEU D 187 2.27 -0.17 37.03
N LYS D 188 1.56 -1.16 36.52
CA LYS D 188 0.44 -1.74 37.25
C LYS D 188 0.97 -2.66 38.36
N GLU D 189 0.06 -3.09 39.23
CA GLU D 189 0.46 -3.99 40.32
C GLU D 189 0.91 -5.34 39.79
N GLU D 190 0.27 -5.82 38.73
CA GLU D 190 0.62 -7.11 38.12
C GLU D 190 1.86 -7.03 37.24
N ALA D 191 2.45 -5.84 37.08
CA ALA D 191 3.63 -5.65 36.26
C ALA D 191 4.88 -5.37 37.09
N SER D 192 4.84 -5.68 38.39
CA SER D 192 5.98 -5.40 39.25
C SER D 192 7.18 -6.29 38.94
N ASP D 193 6.98 -7.37 38.18
CA ASP D 193 8.08 -8.29 37.86
C ASP D 193 9.21 -7.58 37.14
N TYR D 194 8.89 -6.60 36.29
CA TYR D 194 9.91 -5.93 35.48
C TYR D 194 10.84 -5.06 36.32
N LEU D 195 10.45 -4.70 37.54
CA LEU D 195 11.30 -3.87 38.37
C LEU D 195 12.50 -4.62 38.93
N GLU D 196 12.47 -5.95 38.94
CA GLU D 196 13.59 -6.73 39.43
C GLU D 196 14.72 -6.71 38.41
N LEU D 197 15.95 -6.51 38.90
CA LEU D 197 17.08 -6.25 38.01
C LEU D 197 17.31 -7.39 37.03
N ASP D 198 17.29 -8.63 37.53
CA ASP D 198 17.66 -9.77 36.70
C ASP D 198 16.78 -9.89 35.47
N THR D 199 15.47 -9.67 35.63
CA THR D 199 14.56 -9.82 34.50
C THR D 199 14.68 -8.66 33.52
N ILE D 200 14.94 -7.45 34.03
CA ILE D 200 15.04 -6.29 33.13
C ILE D 200 16.36 -6.30 32.37
N LYS D 201 17.41 -6.89 32.94
CA LYS D 201 18.66 -7.04 32.21
C LYS D 201 18.51 -8.05 31.07
N ASN D 202 17.76 -9.13 31.31
CA ASN D 202 17.51 -10.11 30.26
C ASN D 202 16.73 -9.50 29.11
N LEU D 203 15.66 -8.78 29.43
CA LEU D 203 14.83 -8.16 28.40
C LEU D 203 15.62 -7.13 27.61
N VAL D 204 16.42 -6.31 28.30
CA VAL D 204 17.20 -5.28 27.63
C VAL D 204 18.22 -5.91 26.69
N LYS D 205 18.93 -6.95 27.16
CA LYS D 205 19.90 -7.63 26.31
C LYS D 205 19.23 -8.26 25.09
N LYS D 206 17.99 -8.71 25.23
CA LYS D 206 17.28 -9.31 24.10
C LYS D 206 16.85 -8.25 23.10
N TYR D 207 16.34 -7.12 23.57
CA TYR D 207 15.78 -6.08 22.71
C TYR D 207 16.82 -5.08 22.23
N SER D 208 18.11 -5.33 22.47
CA SER D 208 19.17 -4.41 22.07
C SER D 208 19.96 -4.87 20.86
N GLN D 209 19.59 -6.01 20.27
CA GLN D 209 20.41 -6.59 19.21
C GLN D 209 20.41 -5.74 17.95
N PHE D 210 19.37 -4.94 17.73
CA PHE D 210 19.27 -4.10 16.54
C PHE D 210 19.58 -2.64 16.81
N ILE D 211 19.98 -2.29 18.03
CA ILE D 211 20.22 -0.90 18.43
C ILE D 211 21.71 -0.61 18.31
N ASN D 212 22.04 0.48 17.62
CA ASN D 212 23.42 0.87 17.37
C ASN D 212 24.02 1.72 18.48
N PHE D 213 23.24 2.06 19.50
CA PHE D 213 23.71 2.98 20.53
C PHE D 213 23.90 2.25 21.86
N PRO D 214 24.80 2.72 22.71
CA PRO D 214 25.05 2.03 23.98
C PRO D 214 23.85 2.14 24.92
N ILE D 215 23.46 1.01 25.48
CA ILE D 215 22.33 0.92 26.40
C ILE D 215 22.86 0.51 27.76
N TYR D 216 22.53 1.29 28.79
CA TYR D 216 22.96 1.01 30.14
C TYR D 216 21.75 0.72 31.02
N VAL D 217 21.95 -0.13 32.03
CA VAL D 217 20.95 -0.43 33.04
C VAL D 217 21.58 -0.15 34.40
N TRP D 218 20.90 0.65 35.21
CA TRP D 218 21.35 0.92 36.58
C TRP D 218 21.29 -0.38 37.37
N SER D 219 22.44 -0.99 37.60
CA SER D 219 22.52 -2.29 38.24
C SER D 219 23.49 -2.24 39.41
N SER D 220 23.40 -3.25 40.26
CA SER D 220 24.22 -3.36 41.46
C SER D 220 25.26 -4.45 41.29
N LYS D 221 26.49 -4.16 41.72
CA LYS D 221 27.57 -5.13 41.73
C LYS D 221 27.82 -5.59 43.16
N THR D 222 27.90 -6.91 43.35
CA THR D 222 28.04 -7.49 44.69
C THR D 222 29.53 -7.60 45.04
N GLY D 223 30.16 -6.44 45.19
CA GLY D 223 31.56 -6.37 45.53
C GLY D 223 32.23 -5.07 45.12
N LYS D 227 29.65 -3.39 50.09
CA LYS D 227 28.84 -4.52 49.66
C LYS D 227 28.32 -4.33 48.24
N THR D 228 27.03 -4.01 48.11
CA THR D 228 26.42 -3.79 46.81
C THR D 228 26.51 -2.32 46.44
N VAL D 229 27.06 -2.05 45.26
CA VAL D 229 27.26 -0.69 44.76
C VAL D 229 26.61 -0.58 43.39
N TRP D 230 25.95 0.55 43.14
CA TRP D 230 25.16 0.75 41.94
C TRP D 230 25.91 1.62 40.94
N ASP D 231 25.75 1.30 39.66
CA ASP D 231 26.33 2.07 38.56
C ASP D 231 25.70 1.61 37.26
N TRP D 232 26.00 2.35 36.19
CA TRP D 232 25.47 2.03 34.87
C TRP D 232 26.20 0.82 34.30
N GLU D 233 25.43 -0.21 33.93
CA GLU D 233 25.97 -1.43 33.34
C GLU D 233 25.59 -1.48 31.87
N LEU D 234 26.60 -1.47 31.00
CA LEU D 234 26.35 -1.56 29.56
C LEU D 234 25.83 -2.95 29.22
N MET D 235 24.76 -3.00 28.42
CA MET D 235 24.12 -4.26 28.09
C MET D 235 24.30 -4.68 26.63
N ASN D 236 24.91 -3.85 25.79
CA ASN D 236 25.11 -4.20 24.39
C ASN D 236 26.45 -3.66 23.89
MG MG E . 16.76 1.92 8.22
C10 ZUY F . -8.24 -18.02 8.44
C13 ZUY F . -7.86 -15.75 7.75
C15 ZUY F . -5.93 -15.13 6.25
C17 ZUY F . -3.15 -19.63 3.81
C20 ZUY F . -0.88 -19.44 6.49
C21 ZUY F . -0.64 -18.77 7.43
C22 ZUY F . -5.35 -20.11 2.72
C24 ZUY F . -5.99 -21.28 0.79
C02 ZUY F . -7.65 -20.30 2.07
C03 ZUY F . -6.65 -19.81 2.98
C05 ZUY F . -5.42 -18.93 4.55
C07 ZUY F . -6.38 -17.50 7.00
C08 ZUY F . -7.13 -18.42 7.72
C09 ZUY F . -6.74 -19.90 7.68
C11 ZUY F . -8.60 -16.68 8.46
C12 ZUY F . -9.81 -16.22 9.26
C14 ZUY F . -6.75 -16.16 7.03
C18 ZUY F . -2.69 -20.44 5.02
C19 ZUY F . -1.19 -20.31 5.26
N01 ZUY F . -9.05 -20.00 2.30
N04 ZUY F . -6.68 -19.08 4.12
N16 ZUY F . -4.60 -19.56 3.71
N23 ZUY F . -5.05 -20.85 1.61
N25 ZUY F . -7.27 -21.01 1.01
S06 ZUY F . -4.93 -18.01 6.04
C1 GOL G . -13.65 -40.83 1.68
O1 GOL G . -13.10 -39.96 2.62
C2 GOL G . -14.25 -39.97 0.56
O2 GOL G . -14.95 -38.88 1.06
C3 GOL G . -13.04 -39.52 -0.30
O3 GOL G . -13.55 -39.01 -1.49
MG MG H . 4.62 -16.53 1.06
MG MG I . -5.84 -21.51 24.94
S SO4 J . -23.33 -26.78 -2.49
O1 SO4 J . -23.16 -27.39 -3.80
O2 SO4 J . -24.74 -26.83 -2.10
O3 SO4 J . -22.52 -27.49 -1.50
O4 SO4 J . -22.90 -25.38 -2.55
S SO4 K . 19.05 -14.13 8.59
O1 SO4 K . 18.16 -15.04 7.86
O2 SO4 K . 19.16 -12.88 7.85
O3 SO4 K . 20.37 -14.74 8.73
O4 SO4 K . 18.48 -13.86 9.91
S SO4 L . 11.65 -12.75 20.93
O1 SO4 L . 10.36 -12.63 21.61
O2 SO4 L . 11.43 -12.89 19.49
O3 SO4 L . 12.45 -11.56 21.19
O4 SO4 L . 12.34 -13.93 21.42
S SO4 M . 2.48 -33.59 13.61
O1 SO4 M . 2.46 -33.46 12.16
O2 SO4 M . 1.57 -32.62 14.20
O3 SO4 M . 3.84 -33.35 14.09
O4 SO4 M . 2.07 -34.94 13.98
S SO4 N . 1.26 -34.64 7.49
O1 SO4 N . 0.56 -34.32 6.25
O2 SO4 N . 0.62 -35.79 8.11
O3 SO4 N . 2.65 -34.94 7.19
O4 SO4 N . 1.18 -33.49 8.41
MG MG O . -5.24 -12.49 -12.78
C10 ZUY P . 13.02 13.59 -10.22
C13 ZUY P . 11.24 12.58 -8.97
C15 ZUY P . 11.27 10.14 -8.35
C17 ZUY P . 16.31 7.38 -9.14
C20 ZUY P . 15.05 6.27 -12.13
C21 ZUY P . 14.02 6.30 -12.71
C22 ZUY P . 17.18 9.04 -7.48
C24 ZUY P . 19.00 9.05 -6.01
C02 ZUY P . 17.62 10.90 -6.05
C03 ZUY P . 16.82 10.28 -7.05
C05 ZUY P . 15.39 9.64 -8.57
C07 ZUY P . 13.11 11.25 -9.66
C08 ZUY P . 13.68 12.36 -10.26
C09 ZUY P . 15.03 12.25 -10.98
C11 ZUY P . 11.81 13.69 -9.58
C12 ZUY P . 11.08 15.04 -9.53
C14 ZUY P . 11.90 11.36 -9.02
C18 ZUY P . 16.64 7.53 -10.62
C19 ZUY P . 16.38 6.24 -11.38
N01 ZUY P . 17.29 12.22 -5.56
N04 ZUY P . 15.71 10.64 -7.75
N16 ZUY P . 16.28 8.65 -8.43
N23 ZUY P . 18.28 8.44 -6.93
N25 ZUY P . 18.68 10.25 -5.57
S06 ZUY P . 13.97 9.64 -9.71
C1 GOL Q . 8.77 -9.51 -23.32
O1 GOL Q . 7.85 -9.59 -24.36
C2 GOL Q . 8.11 -10.17 -22.08
O2 GOL Q . 7.19 -9.33 -21.47
C3 GOL Q . 9.29 -10.52 -21.12
O3 GOL Q . 8.73 -10.98 -19.93
C1 GOL R . 31.87 17.88 3.43
O1 GOL R . 32.25 18.13 4.74
C2 GOL R . 30.81 18.96 3.04
O2 GOL R . 29.98 19.26 4.10
C3 GOL R . 31.64 20.17 2.55
O3 GOL R . 30.73 21.12 2.09
MG MG S . 20.51 24.78 -5.34
MG MG T . -4.73 -6.80 -19.46
MG MG U . -7.49 -9.92 -14.19
S SO4 V . 25.48 24.52 2.34
O1 SO4 V . 26.20 24.82 1.12
O2 SO4 V . 24.26 23.78 2.03
O3 SO4 V . 25.13 25.76 3.02
O4 SO4 V . 26.34 23.71 3.22
S SO4 W . 16.85 34.08 -1.33
O1 SO4 W . 16.15 35.31 -1.67
O2 SO4 W . 17.79 33.75 -2.39
O3 SO4 W . 15.89 33.00 -1.18
O4 SO4 W . 17.58 34.27 -0.08
S SO4 X . 23.01 28.42 -5.53
O1 SO4 X . 23.96 28.65 -6.62
O2 SO4 X . 21.75 29.09 -5.83
O3 SO4 X . 23.57 28.96 -4.29
O4 SO4 X . 22.78 26.98 -5.39
C10 ZUY Y . -14.62 3.05 -20.34
C13 ZUY Y . -16.91 2.58 -20.85
C15 ZUY Y . -18.35 1.09 -19.45
C17 ZUY Y . -17.38 -1.34 -15.32
C20 ZUY Y . -19.10 -2.65 -12.09
C21 ZUY Y . -19.37 -3.39 -11.20
C22 ZUY Y . -17.79 -2.94 -17.27
C24 ZUY Y . -18.79 -5.05 -17.61
C02 ZUY Y . -17.84 -3.99 -19.43
C03 ZUY Y . -17.46 -2.90 -18.60
C05 ZUY Y . -16.72 -1.07 -17.66
C07 ZUY Y . -15.91 1.60 -18.90
C08 ZUY Y . -14.73 2.24 -19.22
C09 ZUY Y . -13.51 2.05 -18.31
C11 ZUY Y . -15.73 3.22 -21.16
C12 ZUY Y . -15.63 4.10 -22.39
C14 ZUY Y . -17.01 1.77 -19.74
C18 ZUY Y . -17.91 -2.37 -14.32
C19 ZUY Y . -18.76 -1.70 -13.24
N01 ZUY Y . -17.53 -4.00 -20.85
N04 ZUY Y . -16.80 -1.74 -18.82
N16 ZUY Y . -17.31 -1.80 -16.71
N23 ZUY Y . -18.45 -4.04 -16.82
N25 ZUY Y . -18.49 -5.03 -18.90
S06 ZUY Y . -15.94 0.55 -17.41
S SO4 Z . 3.18 -0.44 -26.86
O1 SO4 Z . 2.64 -1.46 -27.74
O2 SO4 Z . 2.16 0.56 -26.59
O3 SO4 Z . 4.34 0.20 -27.48
O4 SO4 Z . 3.60 -1.06 -25.60
S SO4 AA . -22.78 -11.33 -34.93
O1 SO4 AA . -23.83 -12.28 -35.31
O2 SO4 AA . -21.75 -11.30 -35.95
O3 SO4 AA . -23.36 -10.00 -34.79
O4 SO4 AA . -22.20 -11.74 -33.66
C10 ZUY BA . 5.59 5.54 23.91
C13 ZUY BA . 6.11 7.53 25.15
C15 ZUY BA . 6.83 9.66 24.04
C17 ZUY BA . 7.64 10.72 19.37
C20 ZUY BA . 7.66 13.30 16.47
C21 ZUY BA . 8.00 13.89 15.49
C22 ZUY BA . 9.89 10.46 20.53
C24 ZUY BA . 12.01 11.47 20.45
C02 ZUY BA . 11.70 9.75 21.96
C03 ZUY BA . 10.35 9.61 21.52
C05 ZUY BA . 8.26 9.13 21.11
C07 ZUY BA . 6.26 7.53 22.75
C08 ZUY BA . 5.87 6.21 22.73
C09 ZUY BA . 5.73 5.48 21.39
C11 ZUY BA . 5.72 6.20 25.12
C12 ZUY BA . 5.42 5.46 26.43
C14 ZUY BA . 6.40 8.20 23.97
C18 ZUY BA . 8.23 11.53 18.22
C19 ZUY BA . 7.21 12.55 17.72
N01 ZUY BA . 12.22 8.88 22.99
N04 ZUY BA . 9.32 8.81 21.86
N16 ZUY BA . 8.58 10.14 20.30
N23 ZUY BA . 10.76 11.38 20.03
N25 ZUY BA . 12.47 10.67 21.41
S06 ZUY BA . 6.61 8.36 21.16
C1 GOL CA . -4.08 14.78 33.86
O1 GOL CA . -2.81 15.08 33.40
C2 GOL CA . -4.70 13.84 32.81
O2 GOL CA . -6.09 13.75 32.94
C3 GOL CA . -4.00 12.48 33.05
O3 GOL CA . -4.51 11.61 32.09
MN MN DA . 11.33 5.99 24.29
MG MG EA . 19.10 25.81 26.83
MG MG FA . 24.05 9.50 35.09
MG MG GA . 11.09 13.42 35.62
MG MG HA . 14.28 15.97 40.63
S SO4 IA . -13.01 -11.31 25.60
O1 SO4 IA . -13.86 -12.46 25.94
O2 SO4 IA . -13.64 -10.53 24.54
O3 SO4 IA . -11.71 -11.79 25.15
O4 SO4 IA . -12.83 -10.47 26.79
S SO4 JA . -6.17 -2.48 35.20
O1 SO4 JA . -6.65 -2.19 33.86
O2 SO4 JA . -7.28 -2.86 36.06
O3 SO4 JA . -5.51 -1.30 35.75
O4 SO4 JA . -5.21 -3.59 35.14
S SO4 KA . 4.34 25.70 22.24
O1 SO4 KA . 3.14 25.01 22.68
O2 SO4 KA . 4.03 26.54 21.08
O3 SO4 KA . 4.84 26.55 23.32
O4 SO4 KA . 5.36 24.72 21.88
#